data_9FD5
#
_entry.id   9FD5
#
_cell.length_a   59.150
_cell.length_b   77.370
_cell.length_c   75.490
_cell.angle_alpha   90.000
_cell.angle_beta   111.827
_cell.angle_gamma   90.000
#
_symmetry.space_group_name_H-M   'P 1 21 1'
#
loop_
_entity.id
_entity.type
_entity.pdbx_description
1 polymer 'Flavin reductase'
2 non-polymer 'FLAVIN-ADENINE DINUCLEOTIDE'
3 water water
#
_entity_poly.entity_id   1
_entity_poly.type   'polypeptide(L)'
_entity_poly.pdbx_seq_one_letter_code
;GAMAGAAGGVTTEQQHYRDLMSAFPTGIAVVTSLDAQGVPRGMTCSSVTSATLSPPTLLVCLRNGSATLDAVSATRGFAV
NLLHDGGRHAAEVFSGPDPNRFSRVQWKQCRSGLPWLSKDAFAVAECRVSGTQEVGDHTVVFGEVARIAQTDGTPLLYGL
RSFAAWPLPSESARQGSEAAPRGSEPAYGARSSRG
;
_entity_poly.pdbx_strand_id   B,A,C,D
#
loop_
_chem_comp.id
_chem_comp.type
_chem_comp.name
_chem_comp.formula
FAD non-polymer 'FLAVIN-ADENINE DINUCLEOTIDE' 'C27 H33 N9 O15 P2'
#
# COMPACT_ATOMS: atom_id res chain seq x y z
N THR A 11 24.23 -11.04 15.69
CA THR A 11 25.32 -11.93 15.34
C THR A 11 25.08 -12.56 13.96
N THR A 12 26.11 -13.23 13.45
CA THR A 12 25.95 -13.92 12.18
C THR A 12 24.88 -14.98 12.26
N GLU A 13 24.79 -15.73 13.37
N GLU A 13 24.84 -15.73 13.36
CA GLU A 13 23.78 -16.77 13.50
CA GLU A 13 23.82 -16.75 13.59
C GLU A 13 22.40 -16.14 13.49
C GLU A 13 22.43 -16.15 13.50
N GLN A 14 22.24 -15.02 14.17
CA GLN A 14 20.95 -14.34 14.17
C GLN A 14 20.58 -13.87 12.78
N GLN A 15 21.54 -13.35 12.02
CA GLN A 15 21.24 -12.91 10.68
C GLN A 15 20.84 -14.07 9.78
N HIS A 16 21.51 -15.22 9.91
CA HIS A 16 21.12 -16.38 9.10
C HIS A 16 19.71 -16.82 9.43
N TYR A 17 19.33 -16.77 10.72
CA TYR A 17 17.99 -17.12 11.14
C TYR A 17 16.96 -16.12 10.62
N ARG A 18 17.25 -14.81 10.68
N ARG A 18 17.25 -14.81 10.70
CA ARG A 18 16.32 -13.84 10.13
CA ARG A 18 16.34 -13.82 10.12
C ARG A 18 16.15 -14.02 8.63
C ARG A 18 16.14 -14.07 8.64
N ASP A 19 17.21 -14.41 7.92
CA ASP A 19 17.10 -14.65 6.49
C ASP A 19 16.19 -15.86 6.21
N LEU A 20 16.29 -16.89 7.04
CA LEU A 20 15.42 -18.07 6.94
C LEU A 20 13.97 -17.68 7.16
N MET A 21 13.68 -17.09 8.30
CA MET A 21 12.30 -16.80 8.66
C MET A 21 11.66 -15.75 7.77
N SER A 22 12.48 -14.87 7.17
N SER A 22 12.45 -14.87 7.20
CA SER A 22 11.97 -13.90 6.19
CA SER A 22 11.90 -13.93 6.24
C SER A 22 11.34 -14.59 4.99
C SER A 22 11.22 -14.65 5.08
N ALA A 23 11.73 -15.82 4.72
CA ALA A 23 11.26 -16.59 3.58
C ALA A 23 10.10 -17.52 3.92
N PHE A 24 9.50 -17.35 5.10
CA PHE A 24 8.26 -18.01 5.49
C PHE A 24 7.17 -16.95 5.52
N PRO A 25 6.46 -16.73 4.42
CA PRO A 25 5.53 -15.61 4.39
C PRO A 25 4.29 -15.93 5.21
N THR A 26 3.59 -14.87 5.60
CA THR A 26 2.40 -14.99 6.41
C THR A 26 1.41 -13.88 6.10
N GLY A 27 0.21 -14.07 6.59
CA GLY A 27 -0.71 -12.96 6.77
C GLY A 27 -0.19 -11.99 7.82
N ILE A 28 -0.94 -10.92 8.04
N ILE A 28 -0.92 -10.91 8.01
CA ILE A 28 -0.56 -9.89 9.00
CA ILE A 28 -0.54 -9.90 9.00
C ILE A 28 -1.74 -9.55 9.86
C ILE A 28 -1.75 -9.58 9.86
N ALA A 29 -1.55 -9.60 11.17
CA ALA A 29 -2.56 -9.16 12.11
C ALA A 29 -2.10 -7.92 12.88
N VAL A 30 -3.08 -7.23 13.43
CA VAL A 30 -2.85 -6.31 14.54
C VAL A 30 -3.50 -6.93 15.75
N VAL A 31 -2.70 -7.20 16.78
CA VAL A 31 -3.16 -7.78 18.03
C VAL A 31 -3.42 -6.61 18.97
N THR A 32 -4.64 -6.52 19.47
CA THR A 32 -5.03 -5.41 20.32
C THR A 32 -5.53 -5.90 21.68
N SER A 33 -5.47 -5.02 22.68
CA SER A 33 -6.04 -5.29 24.00
C SER A 33 -6.25 -3.96 24.67
N LEU A 34 -6.75 -4.02 25.88
CA LEU A 34 -6.79 -2.86 26.76
C LEU A 34 -5.80 -3.09 27.89
N ASP A 35 -5.08 -2.05 28.28
CA ASP A 35 -4.22 -2.23 29.42
C ASP A 35 -5.01 -2.16 30.72
N ALA A 36 -4.30 -2.35 31.81
CA ALA A 36 -4.95 -2.39 33.12
C ALA A 36 -5.65 -1.09 33.47
N GLN A 37 -5.27 0.03 32.84
CA GLN A 37 -5.94 1.30 33.06
C GLN A 37 -7.02 1.61 32.02
N GLY A 38 -7.32 0.67 31.11
CA GLY A 38 -8.34 0.85 30.11
C GLY A 38 -7.88 1.43 28.79
N VAL A 39 -6.57 1.62 28.62
CA VAL A 39 -6.03 2.27 27.44
C VAL A 39 -5.85 1.24 26.33
N PRO A 40 -6.30 1.52 25.11
CA PRO A 40 -6.03 0.59 24.00
C PRO A 40 -4.56 0.47 23.69
N ARG A 41 -4.10 -0.77 23.49
CA ARG A 41 -2.75 -1.10 23.08
C ARG A 41 -2.82 -2.08 21.92
N GLY A 42 -1.78 -2.09 21.10
CA GLY A 42 -1.71 -3.11 20.07
C GLY A 42 -0.42 -3.05 19.32
N MET A 43 -0.18 -4.10 18.52
CA MET A 43 1.01 -4.16 17.70
C MET A 43 0.73 -5.01 16.46
N THR A 44 1.53 -4.77 15.45
CA THR A 44 1.55 -5.62 14.27
C THR A 44 2.20 -6.94 14.64
N CYS A 45 1.63 -8.03 14.15
N CYS A 45 1.55 -8.02 14.25
CA CYS A 45 1.99 -9.36 14.61
CA CYS A 45 1.98 -9.37 14.56
C CYS A 45 1.84 -10.32 13.45
C CYS A 45 1.91 -10.19 13.29
N SER A 46 2.91 -11.03 13.12
CA SER A 46 2.89 -12.07 12.09
C SER A 46 3.06 -13.46 12.68
N SER A 47 3.09 -13.57 13.99
CA SER A 47 3.30 -14.87 14.65
C SER A 47 2.01 -15.59 15.02
N VAL A 48 0.88 -15.14 14.52
CA VAL A 48 -0.38 -15.85 14.69
C VAL A 48 -0.21 -17.25 14.14
N THR A 49 -0.53 -18.25 14.95
CA THR A 49 -0.34 -19.63 14.57
C THR A 49 -1.46 -20.47 15.16
N SER A 50 -2.04 -21.34 14.36
CA SER A 50 -3.06 -22.23 14.87
C SER A 50 -2.43 -23.31 15.74
N ALA A 51 -3.02 -23.58 16.91
CA ALA A 51 -2.44 -24.56 17.81
C ALA A 51 -3.29 -25.81 17.94
N THR A 52 -4.58 -25.68 18.24
CA THR A 52 -5.43 -26.85 18.40
C THR A 52 -6.89 -26.48 18.19
N LEU A 53 -7.73 -27.51 17.99
CA LEU A 53 -9.17 -27.33 17.85
C LEU A 53 -9.95 -27.67 19.12
N SER A 54 -9.28 -28.14 20.18
CA SER A 54 -9.93 -28.65 21.39
C SER A 54 -9.44 -27.96 22.64
N PRO A 55 -9.99 -26.79 22.98
CA PRO A 55 -10.91 -25.97 22.17
C PRO A 55 -10.11 -25.15 21.21
N PRO A 56 -10.77 -24.43 20.29
CA PRO A 56 -10.03 -23.66 19.29
C PRO A 56 -9.11 -22.63 19.91
N THR A 57 -7.82 -22.81 19.67
CA THR A 57 -6.78 -22.05 20.32
C THR A 57 -5.70 -21.72 19.30
N LEU A 58 -5.40 -20.44 19.22
CA LEU A 58 -4.27 -19.94 18.46
C LEU A 58 -3.20 -19.47 19.44
N LEU A 59 -2.02 -19.17 18.92
CA LEU A 59 -0.99 -18.55 19.71
C LEU A 59 -0.43 -17.35 18.95
N VAL A 60 0.17 -16.46 19.73
CA VAL A 60 0.99 -15.36 19.23
C VAL A 60 2.24 -15.33 20.09
N CYS A 61 3.31 -14.76 19.52
N CYS A 61 3.28 -14.70 19.56
CA CYS A 61 4.58 -14.57 20.23
CA CYS A 61 4.55 -14.59 20.28
C CYS A 61 4.81 -13.08 20.34
C CYS A 61 4.92 -13.11 20.36
N LEU A 62 4.85 -12.56 21.58
CA LEU A 62 4.99 -11.14 21.82
C LEU A 62 6.24 -10.85 22.64
N ARG A 63 6.88 -9.72 22.33
CA ARG A 63 8.09 -9.32 23.02
C ARG A 63 7.83 -9.02 24.49
N ASN A 64 8.70 -9.53 25.36
CA ASN A 64 8.58 -9.26 26.78
C ASN A 64 8.83 -7.79 27.02
N GLY A 65 8.00 -7.21 27.89
CA GLY A 65 8.05 -5.81 28.20
C GLY A 65 7.34 -4.91 27.22
N SER A 66 6.79 -5.46 26.14
CA SER A 66 6.02 -4.64 25.22
C SER A 66 4.71 -4.19 25.87
N ALA A 67 4.27 -2.99 25.47
CA ALA A 67 3.00 -2.49 25.96
C ALA A 67 1.85 -3.43 25.61
N THR A 68 1.89 -4.03 24.45
CA THR A 68 0.81 -4.93 24.08
C THR A 68 0.82 -6.19 24.95
N LEU A 69 1.99 -6.80 25.17
CA LEU A 69 2.01 -7.96 26.05
C LEU A 69 1.56 -7.60 27.47
N ASP A 70 1.97 -6.43 27.97
CA ASP A 70 1.54 -6.05 29.30
C ASP A 70 0.03 -5.93 29.39
N ALA A 71 -0.61 -5.40 28.34
CA ALA A 71 -2.06 -5.26 28.32
C ALA A 71 -2.74 -6.62 28.24
N VAL A 72 -2.26 -7.48 27.32
CA VAL A 72 -2.81 -8.82 27.19
C VAL A 72 -2.70 -9.57 28.51
N SER A 73 -1.56 -9.45 29.17
CA SER A 73 -1.37 -10.15 30.44
C SER A 73 -2.29 -9.62 31.52
N ALA A 74 -2.48 -8.30 31.56
N ALA A 74 -2.56 -8.31 31.51
CA ALA A 74 -3.30 -7.69 32.59
CA ALA A 74 -3.44 -7.73 32.52
C ALA A 74 -4.74 -8.11 32.45
C ALA A 74 -4.92 -8.02 32.23
N THR A 75 -5.29 -8.03 31.24
N THR A 75 -5.35 -7.88 30.98
CA THR A 75 -6.71 -8.23 31.06
CA THR A 75 -6.75 -8.10 30.64
C THR A 75 -7.04 -9.65 30.62
C THR A 75 -7.08 -9.58 30.53
N ARG A 76 -6.03 -10.42 30.22
N ARG A 76 -6.08 -10.41 30.20
CA ARG A 76 -6.16 -11.81 29.81
CA ARG A 76 -6.25 -11.81 29.85
C ARG A 76 -7.14 -11.99 28.65
C ARG A 76 -7.17 -11.99 28.65
N GLY A 77 -7.15 -11.01 27.75
CA GLY A 77 -7.92 -11.08 26.54
C GLY A 77 -7.22 -10.27 25.48
N PHE A 78 -7.49 -10.61 24.23
CA PHE A 78 -6.94 -9.83 23.13
C PHE A 78 -7.73 -10.11 21.88
N ALA A 79 -7.65 -9.18 20.94
CA ALA A 79 -8.28 -9.35 19.63
C ALA A 79 -7.20 -9.51 18.57
N VAL A 80 -7.43 -10.45 17.65
CA VAL A 80 -6.58 -10.63 16.48
C VAL A 80 -7.33 -10.07 15.28
N ASN A 81 -6.83 -8.96 14.73
CA ASN A 81 -7.44 -8.30 13.59
C ASN A 81 -6.64 -8.68 12.35
N LEU A 82 -7.23 -9.47 11.46
CA LEU A 82 -6.53 -9.88 10.26
C LEU A 82 -6.68 -8.79 9.21
N LEU A 83 -5.54 -8.32 8.69
CA LEU A 83 -5.56 -7.19 7.77
C LEU A 83 -5.82 -7.62 6.33
N HIS A 84 -6.69 -6.87 5.66
CA HIS A 84 -6.90 -7.11 4.25
C HIS A 84 -5.86 -6.34 3.45
N ASP A 85 -5.87 -6.53 2.12
CA ASP A 85 -4.76 -6.04 1.30
C ASP A 85 -4.78 -4.53 1.11
N GLY A 86 -5.75 -3.85 1.69
CA GLY A 86 -5.71 -2.41 1.84
C GLY A 86 -5.17 -1.93 3.18
N GLY A 87 -4.62 -2.83 4.00
CA GLY A 87 -4.26 -2.49 5.37
C GLY A 87 -2.79 -2.23 5.66
N ARG A 88 -1.97 -1.99 4.63
CA ARG A 88 -0.55 -1.77 4.87
C ARG A 88 -0.32 -0.61 5.83
N HIS A 89 -1.08 0.48 5.68
CA HIS A 89 -0.82 1.61 6.55
C HIS A 89 -1.03 1.25 8.01
N ALA A 90 -2.08 0.49 8.32
CA ALA A 90 -2.31 0.08 9.70
C ALA A 90 -1.15 -0.77 10.18
N ALA A 91 -0.65 -1.66 9.33
CA ALA A 91 0.48 -2.49 9.72
C ALA A 91 1.70 -1.63 10.05
N GLU A 92 1.90 -0.56 9.28
CA GLU A 92 3.02 0.33 9.53
C GLU A 92 2.81 1.14 10.80
N VAL A 93 1.60 1.67 11.01
CA VAL A 93 1.32 2.40 12.25
C VAL A 93 1.60 1.50 13.45
N PHE A 94 1.12 0.25 13.40
CA PHE A 94 1.20 -0.60 14.57
C PHE A 94 2.53 -1.33 14.70
N SER A 95 3.51 -1.06 13.83
CA SER A 95 4.85 -1.55 14.02
C SER A 95 5.89 -0.45 14.20
N GLY A 96 5.49 0.80 14.06
CA GLY A 96 6.42 1.90 13.96
C GLY A 96 6.58 2.65 15.26
N PRO A 97 7.55 3.56 15.29
CA PRO A 97 7.94 4.19 16.55
C PRO A 97 7.04 5.31 16.98
N ASP A 98 6.23 5.83 16.08
CA ASP A 98 5.49 7.05 16.38
C ASP A 98 4.43 6.77 17.44
N PRO A 99 4.21 7.68 18.36
CA PRO A 99 3.20 7.45 19.40
C PRO A 99 1.78 7.60 18.87
N ASN A 100 0.84 7.34 19.77
CA ASN A 100 -0.59 7.60 19.57
C ASN A 100 -1.19 6.79 18.41
N ARG A 101 -0.90 5.50 18.39
CA ARG A 101 -1.32 4.65 17.28
C ARG A 101 -2.83 4.68 17.05
N PHE A 102 -3.62 4.64 18.13
CA PHE A 102 -5.06 4.56 17.97
C PHE A 102 -5.69 5.85 17.48
N SER A 103 -4.98 6.97 17.55
N SER A 103 -4.96 6.96 17.57
CA SER A 103 -5.49 8.16 16.92
CA SER A 103 -5.37 8.21 16.97
C SER A 103 -5.19 8.20 15.43
C SER A 103 -5.01 8.29 15.49
N ARG A 104 -4.46 7.22 14.92
CA ARG A 104 -4.00 7.20 13.54
C ARG A 104 -4.71 6.17 12.69
N VAL A 105 -5.65 5.45 13.26
CA VAL A 105 -6.50 4.48 12.57
C VAL A 105 -7.96 4.68 12.99
N GLN A 106 -8.87 4.24 12.13
CA GLN A 106 -10.28 4.16 12.47
C GLN A 106 -10.54 2.82 13.14
N TRP A 107 -11.09 2.86 14.33
CA TRP A 107 -11.31 1.65 15.09
C TRP A 107 -12.58 1.81 15.92
N LYS A 108 -13.11 0.69 16.35
CA LYS A 108 -14.28 0.67 17.21
CA LYS A 108 -14.28 0.66 17.21
C LYS A 108 -14.05 -0.34 18.33
N GLN A 109 -14.89 -0.29 19.35
CA GLN A 109 -14.75 -1.23 20.45
C GLN A 109 -15.83 -2.30 20.34
N CYS A 110 -15.42 -3.56 20.31
CA CYS A 110 -16.37 -4.65 20.43
CA CYS A 110 -16.40 -4.62 20.44
C CYS A 110 -17.13 -4.49 21.76
N ARG A 111 -18.23 -5.23 21.89
CA ARG A 111 -18.96 -5.22 23.17
C ARG A 111 -18.03 -5.50 24.35
N SER A 112 -16.98 -6.30 24.13
CA SER A 112 -16.03 -6.70 25.17
C SER A 112 -15.03 -5.60 25.51
N GLY A 113 -14.98 -4.52 24.74
CA GLY A 113 -14.02 -3.47 24.93
C GLY A 113 -12.78 -3.58 24.04
N LEU A 114 -12.54 -4.75 23.45
CA LEU A 114 -11.31 -4.92 22.69
C LEU A 114 -11.34 -4.05 21.42
N PRO A 115 -10.20 -3.45 21.05
CA PRO A 115 -10.17 -2.62 19.83
C PRO A 115 -10.25 -3.45 18.55
N TRP A 116 -11.16 -3.05 17.66
N TRP A 116 -11.20 -3.10 17.70
CA TRP A 116 -11.40 -3.69 16.37
CA TRP A 116 -11.38 -3.68 16.37
C TRP A 116 -11.06 -2.68 15.28
C TRP A 116 -10.98 -2.64 15.34
N LEU A 117 -10.12 -3.03 14.42
CA LEU A 117 -9.70 -2.18 13.30
C LEU A 117 -10.66 -2.39 12.13
N SER A 118 -11.79 -1.71 12.24
CA SER A 118 -12.94 -1.95 11.36
C SER A 118 -12.66 -1.64 9.90
N LYS A 119 -11.79 -0.67 9.61
CA LYS A 119 -11.54 -0.27 8.22
CA LYS A 119 -11.55 -0.28 8.22
C LYS A 119 -10.42 -1.06 7.58
N ASP A 120 -9.47 -1.54 8.35
CA ASP A 120 -8.30 -2.19 7.81
C ASP A 120 -8.28 -3.70 7.91
N ALA A 121 -9.20 -4.28 8.67
CA ALA A 121 -9.24 -5.70 8.93
C ALA A 121 -10.48 -6.30 8.28
N PHE A 122 -10.36 -7.53 7.80
CA PHE A 122 -11.52 -8.26 7.26
C PHE A 122 -12.04 -9.29 8.26
N ALA A 123 -11.30 -9.55 9.35
CA ALA A 123 -11.76 -10.51 10.35
C ALA A 123 -11.18 -10.08 11.68
N VAL A 124 -11.95 -10.31 12.74
N VAL A 124 -11.96 -10.32 12.74
CA VAL A 124 -11.48 -10.06 14.10
CA VAL A 124 -11.54 -10.07 14.10
C VAL A 124 -11.89 -11.22 14.99
C VAL A 124 -11.89 -11.30 14.93
N ALA A 125 -10.93 -11.79 15.70
CA ALA A 125 -11.17 -12.87 16.63
C ALA A 125 -10.91 -12.35 18.04
N GLU A 126 -11.88 -12.52 18.91
CA GLU A 126 -11.73 -12.18 20.32
C GLU A 126 -11.26 -13.44 21.06
N CYS A 127 -10.18 -13.30 21.80
CA CYS A 127 -9.49 -14.41 22.43
C CYS A 127 -9.36 -14.19 23.93
N ARG A 128 -9.46 -15.28 24.68
CA ARG A 128 -9.14 -15.29 26.09
C ARG A 128 -7.76 -15.91 26.23
N VAL A 129 -6.95 -15.35 27.11
CA VAL A 129 -5.63 -15.92 27.38
C VAL A 129 -5.81 -17.16 28.25
N SER A 130 -5.45 -18.31 27.70
CA SER A 130 -5.52 -19.55 28.44
C SER A 130 -4.19 -19.97 29.05
N GLY A 131 -3.11 -19.33 28.63
CA GLY A 131 -1.82 -19.59 29.19
C GLY A 131 -0.76 -18.74 28.53
N THR A 132 0.38 -18.63 29.20
CA THR A 132 1.53 -17.90 28.73
C THR A 132 2.79 -18.65 29.10
N GLN A 133 3.75 -18.67 28.20
N GLN A 133 3.76 -18.69 28.18
CA GLN A 133 5.03 -19.30 28.46
CA GLN A 133 5.04 -19.39 28.37
C GLN A 133 6.12 -18.44 27.85
C GLN A 133 6.16 -18.51 27.82
N GLU A 134 7.13 -18.13 28.65
CA GLU A 134 8.26 -17.34 28.17
C GLU A 134 9.26 -18.21 27.45
N VAL A 135 9.80 -17.66 26.36
N VAL A 135 9.81 -17.65 26.36
CA VAL A 135 10.87 -18.29 25.59
CA VAL A 135 10.86 -18.26 25.57
C VAL A 135 11.84 -17.19 25.21
C VAL A 135 11.84 -17.15 25.23
N GLY A 136 13.04 -17.22 25.79
CA GLY A 136 13.96 -16.12 25.57
C GLY A 136 13.31 -14.79 25.96
N ASP A 137 13.40 -13.80 25.09
CA ASP A 137 12.90 -12.48 25.42
C ASP A 137 11.47 -12.27 24.93
N HIS A 138 10.76 -13.36 24.64
CA HIS A 138 9.38 -13.30 24.16
C HIS A 138 8.50 -14.18 25.03
N THR A 139 7.20 -13.99 24.84
CA THR A 139 6.18 -14.79 25.51
C THR A 139 5.24 -15.36 24.46
N VAL A 140 5.07 -16.68 24.51
CA VAL A 140 4.03 -17.33 23.73
C VAL A 140 2.73 -17.22 24.50
N VAL A 141 1.74 -16.61 23.88
CA VAL A 141 0.43 -16.38 24.49
C VAL A 141 -0.57 -17.29 23.79
N PHE A 142 -1.23 -18.14 24.54
CA PHE A 142 -2.27 -19.02 24.02
C PHE A 142 -3.60 -18.30 24.14
N GLY A 143 -4.30 -18.18 23.02
CA GLY A 143 -5.59 -17.53 22.94
C GLY A 143 -6.69 -18.48 22.55
N GLU A 144 -7.57 -18.78 23.49
CA GLU A 144 -8.77 -19.54 23.20
C GLU A 144 -9.76 -18.59 22.55
N VAL A 145 -10.18 -18.93 21.33
CA VAL A 145 -11.01 -18.02 20.58
C VAL A 145 -12.45 -18.16 21.05
N ALA A 146 -13.04 -17.02 21.42
CA ALA A 146 -14.40 -16.96 21.95
C ALA A 146 -15.43 -16.56 20.91
N ARG A 147 -15.06 -15.63 20.04
CA ARG A 147 -16.00 -15.01 19.10
C ARG A 147 -15.22 -14.53 17.91
N ILE A 148 -15.83 -14.62 16.73
CA ILE A 148 -15.21 -14.20 15.47
C ILE A 148 -16.21 -13.43 14.65
N ALA A 149 -15.77 -12.30 14.06
CA ALA A 149 -16.51 -11.62 13.02
C ALA A 149 -15.63 -11.63 11.78
N GLN A 150 -16.14 -12.15 10.70
CA GLN A 150 -15.35 -12.37 9.50
C GLN A 150 -16.18 -12.00 8.28
N THR A 151 -15.55 -11.28 7.37
CA THR A 151 -16.16 -10.94 6.10
CA THR A 151 -16.15 -10.93 6.09
C THR A 151 -15.20 -11.35 4.99
N ASP A 152 -15.70 -11.35 3.77
CA ASP A 152 -14.85 -11.62 2.63
C ASP A 152 -13.76 -10.56 2.56
N GLY A 153 -12.58 -10.97 2.21
CA GLY A 153 -11.51 -10.02 2.04
C GLY A 153 -10.30 -10.75 1.51
N THR A 154 -9.43 -10.01 0.86
CA THR A 154 -8.20 -10.56 0.36
C THR A 154 -7.10 -10.29 1.39
N PRO A 155 -6.46 -11.31 1.96
CA PRO A 155 -5.46 -11.04 3.00
C PRO A 155 -4.24 -10.27 2.51
N LEU A 156 -3.80 -9.33 3.32
CA LEU A 156 -2.45 -8.80 3.21
C LEU A 156 -1.43 -9.87 3.56
N LEU A 157 -0.30 -9.86 2.87
CA LEU A 157 0.80 -10.77 3.17
C LEU A 157 2.06 -9.97 3.48
N TYR A 158 2.95 -10.62 4.23
CA TYR A 158 4.30 -10.11 4.44
C TYR A 158 5.26 -11.27 4.26
N GLY A 159 6.32 -11.04 3.48
CA GLY A 159 7.28 -12.09 3.22
C GLY A 159 8.45 -11.49 2.45
N LEU A 160 9.63 -12.07 2.59
N LEU A 160 9.64 -12.05 2.62
CA LEU A 160 10.78 -11.58 1.85
CA LEU A 160 10.81 -11.61 1.87
C LEU A 160 10.90 -10.05 2.01
C LEU A 160 11.08 -10.11 2.08
N ARG A 161 10.68 -9.61 3.25
CA ARG A 161 10.89 -8.23 3.65
C ARG A 161 10.03 -7.25 2.85
N SER A 162 8.85 -7.70 2.45
N SER A 162 8.85 -7.71 2.42
CA SER A 162 7.95 -6.87 1.68
CA SER A 162 7.96 -6.92 1.57
C SER A 162 6.50 -7.25 1.98
C SER A 162 6.50 -7.29 1.85
N PHE A 163 5.62 -6.31 1.72
CA PHE A 163 4.20 -6.56 1.68
C PHE A 163 3.77 -7.01 0.29
N ALA A 164 2.75 -7.86 0.26
CA ALA A 164 2.10 -8.29 -0.97
C ALA A 164 0.66 -8.61 -0.63
N ALA A 165 -0.08 -9.09 -1.60
CA ALA A 165 -1.47 -9.49 -1.42
C ALA A 165 -1.67 -10.95 -1.82
N TRP A 166 -2.55 -11.63 -1.12
CA TRP A 166 -2.89 -12.99 -1.46
C TRP A 166 -3.29 -13.05 -2.93
N PRO A 167 -2.67 -13.91 -3.75
CA PRO A 167 -2.83 -13.79 -5.19
C PRO A 167 -4.08 -14.42 -5.76
N LEU A 168 -4.71 -15.35 -5.08
CA LEU A 168 -5.87 -16.01 -5.71
C LEU A 168 -7.14 -15.16 -5.58
N GLY B 8 -13.03 -22.40 30.35
CA GLY B 8 -12.59 -21.01 30.43
C GLY B 8 -13.66 -19.97 30.13
N GLY B 9 -14.60 -20.36 29.27
CA GLY B 9 -15.74 -19.52 28.92
C GLY B 9 -16.26 -19.95 27.55
N VAL B 10 -16.95 -19.05 26.86
CA VAL B 10 -17.47 -19.39 25.55
C VAL B 10 -16.32 -19.69 24.59
N THR B 11 -16.48 -20.75 23.80
CA THR B 11 -15.52 -21.10 22.74
C THR B 11 -16.20 -20.97 21.39
N THR B 12 -15.46 -20.58 20.37
CA THR B 12 -16.07 -20.51 19.05
C THR B 12 -16.27 -21.90 18.48
N GLU B 13 -17.29 -22.05 17.65
N GLU B 13 -17.30 -22.05 17.65
CA GLU B 13 -17.49 -23.30 16.96
CA GLU B 13 -17.47 -23.32 16.96
C GLU B 13 -16.29 -23.63 16.08
C GLU B 13 -16.24 -23.63 16.13
N GLN B 14 -15.96 -24.92 16.00
CA GLN B 14 -14.78 -25.32 15.23
C GLN B 14 -14.83 -24.84 13.78
N GLN B 15 -16.01 -24.86 13.15
CA GLN B 15 -16.06 -24.39 11.76
C GLN B 15 -15.76 -22.90 11.65
N HIS B 16 -16.22 -22.10 12.61
CA HIS B 16 -15.90 -20.68 12.60
C HIS B 16 -14.40 -20.47 12.71
N TYR B 17 -13.76 -21.23 13.59
CA TYR B 17 -12.31 -21.13 13.78
C TYR B 17 -11.54 -21.54 12.53
N ARG B 18 -11.94 -22.64 11.90
N ARG B 18 -11.93 -22.67 11.93
CA ARG B 18 -11.27 -23.07 10.70
CA ARG B 18 -11.30 -23.09 10.69
C ARG B 18 -11.43 -22.03 9.59
C ARG B 18 -11.42 -22.03 9.61
N ASP B 19 -12.62 -21.43 9.48
CA ASP B 19 -12.80 -20.37 8.47
C ASP B 19 -11.88 -19.18 8.75
N LEU B 20 -11.68 -18.83 10.00
CA LEU B 20 -10.80 -17.73 10.37
C LEU B 20 -9.37 -18.06 10.01
N MET B 21 -8.89 -19.19 10.46
CA MET B 21 -7.48 -19.50 10.28
C MET B 21 -7.16 -19.80 8.84
N SER B 22 -8.15 -20.21 8.03
N SER B 22 -8.14 -20.24 8.07
CA SER B 22 -7.94 -20.38 6.60
CA SER B 22 -7.91 -20.39 6.64
C SER B 22 -7.60 -19.07 5.92
C SER B 22 -7.45 -19.07 6.02
N ALA B 23 -7.94 -17.95 6.54
CA ALA B 23 -7.71 -16.64 5.97
C ALA B 23 -6.42 -15.98 6.44
N PHE B 24 -5.60 -16.73 7.18
CA PHE B 24 -4.25 -16.30 7.53
C PHE B 24 -3.28 -17.18 6.75
N PRO B 25 -2.86 -16.79 5.55
CA PRO B 25 -2.01 -17.66 4.74
C PRO B 25 -0.63 -17.80 5.35
N THR B 26 0.05 -18.88 4.97
CA THR B 26 1.39 -19.14 5.48
C THR B 26 2.24 -19.81 4.42
N GLY B 27 3.53 -19.89 4.67
CA GLY B 27 4.40 -20.83 4.00
C GLY B 27 4.03 -22.25 4.42
N ILE B 28 4.72 -23.20 3.82
N ILE B 28 4.76 -23.20 3.86
CA ILE B 28 4.50 -24.61 4.11
CA ILE B 28 4.50 -24.62 4.08
C ILE B 28 5.85 -25.26 4.33
C ILE B 28 5.83 -25.31 4.30
N ALA B 29 5.95 -26.04 5.38
CA ALA B 29 7.12 -26.82 5.66
C ALA B 29 6.79 -28.30 5.64
N VAL B 30 7.82 -29.11 5.46
CA VAL B 30 7.77 -30.50 5.88
C VAL B 30 8.76 -30.63 7.04
N VAL B 31 8.23 -31.03 8.19
CA VAL B 31 9.00 -31.21 9.39
C VAL B 31 9.39 -32.68 9.46
N THR B 32 10.69 -32.95 9.51
CA THR B 32 11.18 -34.31 9.47
C THR B 32 11.99 -34.63 10.73
N SER B 33 12.17 -35.91 10.96
CA SER B 33 12.96 -36.40 12.08
C SER B 33 13.31 -37.84 11.77
N LEU B 34 14.16 -38.40 12.62
CA LEU B 34 14.29 -39.85 12.70
C LEU B 34 13.66 -40.31 14.00
N ASP B 35 13.05 -41.48 13.98
CA ASP B 35 12.63 -42.06 15.24
C ASP B 35 13.82 -42.70 15.94
N ALA B 36 13.55 -43.27 17.11
CA ALA B 36 14.63 -43.79 17.94
C ALA B 36 15.35 -44.96 17.30
N GLN B 37 14.73 -45.62 16.33
CA GLN B 37 15.37 -46.70 15.59
C GLN B 37 15.98 -46.26 14.27
N GLY B 38 15.99 -44.95 13.98
CA GLY B 38 16.64 -44.45 12.78
C GLY B 38 15.76 -44.36 11.55
N VAL B 39 14.47 -44.60 11.69
CA VAL B 39 13.54 -44.59 10.56
C VAL B 39 13.09 -43.16 10.28
N PRO B 40 13.11 -42.70 9.03
CA PRO B 40 12.68 -41.32 8.76
C PRO B 40 11.17 -41.15 8.94
N ARG B 41 10.81 -40.00 9.51
CA ARG B 41 9.44 -39.60 9.76
C ARG B 41 9.27 -38.15 9.33
N GLY B 42 8.04 -37.78 9.04
CA GLY B 42 7.79 -36.38 8.74
C GLY B 42 6.36 -36.10 8.38
N MET B 43 6.04 -34.81 8.37
CA MET B 43 4.69 -34.37 8.07
C MET B 43 4.71 -32.97 7.48
N THR B 44 3.66 -32.65 6.72
CA THR B 44 3.42 -31.29 6.30
C THR B 44 2.95 -30.46 7.47
N CYS B 45 3.49 -29.25 7.59
N CYS B 45 3.56 -29.29 7.61
CA CYS B 45 3.26 -28.38 8.74
CA CYS B 45 3.24 -28.35 8.67
C CYS B 45 3.19 -26.93 8.30
C CYS B 45 3.03 -26.98 8.06
N SER B 46 2.06 -26.27 8.58
CA SER B 46 1.92 -24.85 8.35
C SER B 46 2.06 -24.03 9.62
N SER B 47 1.98 -24.64 10.79
N SER B 47 2.22 -24.67 10.78
CA SER B 47 2.09 -23.91 12.04
CA SER B 47 2.17 -24.03 12.10
C SER B 47 3.56 -23.91 12.45
C SER B 47 3.56 -23.67 12.61
N VAL B 48 4.33 -23.02 11.79
CA VAL B 48 5.73 -22.68 12.06
C VAL B 48 5.78 -21.20 12.33
N THR B 49 6.59 -20.81 13.31
N THR B 49 6.44 -20.79 13.42
CA THR B 49 6.64 -19.43 13.75
CA THR B 49 6.68 -19.37 13.63
C THR B 49 7.99 -19.18 14.42
C THR B 49 7.95 -19.16 14.42
N SER B 50 8.38 -17.90 14.45
CA SER B 50 9.57 -17.51 15.19
C SER B 50 9.22 -17.20 16.64
N ALA B 51 10.05 -17.70 17.55
CA ALA B 51 9.88 -17.47 18.98
C ALA B 51 10.82 -16.40 19.50
N THR B 52 12.12 -16.51 19.23
CA THR B 52 13.07 -15.55 19.76
C THR B 52 14.35 -15.63 18.95
N LEU B 53 15.16 -14.56 19.04
CA LEU B 53 16.47 -14.53 18.43
C LEU B 53 17.60 -14.91 19.37
N SER B 54 17.34 -15.05 20.68
CA SER B 54 18.39 -15.22 21.67
C SER B 54 18.15 -16.44 22.54
N PRO B 55 18.64 -17.61 22.12
CA PRO B 55 19.25 -17.91 20.84
C PRO B 55 18.16 -18.14 19.81
N PRO B 56 18.51 -18.21 18.52
CA PRO B 56 17.47 -18.37 17.49
C PRO B 56 16.63 -19.63 17.74
N THR B 57 15.33 -19.42 17.87
CA THR B 57 14.38 -20.47 18.26
C THR B 57 13.08 -20.26 17.50
N LEU B 58 12.65 -21.30 16.77
CA LEU B 58 11.36 -21.34 16.12
C LEU B 58 10.47 -22.29 16.89
N LEU B 59 9.22 -22.32 16.51
CA LEU B 59 8.31 -23.31 17.04
C LEU B 59 7.48 -23.92 15.92
N VAL B 60 7.05 -25.16 16.17
CA VAL B 60 6.09 -25.88 15.33
C VAL B 60 5.04 -26.47 16.25
N CYS B 61 3.82 -26.63 15.74
N CYS B 61 3.85 -26.70 15.72
CA CYS B 61 2.72 -27.28 16.46
CA CYS B 61 2.77 -27.28 16.50
C CYS B 61 2.42 -28.60 15.80
C CYS B 61 2.30 -28.58 15.85
N LEU B 62 2.50 -29.70 16.55
CA LEU B 62 2.33 -31.04 16.00
C LEU B 62 1.31 -31.82 16.81
N ARG B 63 0.54 -32.66 16.12
CA ARG B 63 -0.49 -33.45 16.76
C ARG B 63 0.07 -34.48 17.72
N ASN B 64 -0.54 -34.56 18.89
CA ASN B 64 -0.18 -35.61 19.83
C ASN B 64 -0.56 -36.98 19.28
N GLY B 65 0.39 -37.89 19.35
CA GLY B 65 0.20 -39.22 18.78
C GLY B 65 0.66 -39.36 17.36
N SER B 66 1.02 -38.25 16.71
CA SER B 66 1.53 -38.37 15.37
C SER B 66 2.90 -39.06 15.36
N ALA B 67 3.18 -39.76 14.27
CA ALA B 67 4.48 -40.39 14.13
C ALA B 67 5.60 -39.36 14.19
N THR B 68 5.38 -38.18 13.64
CA THR B 68 6.43 -37.18 13.63
C THR B 68 6.71 -36.66 15.04
N LEU B 69 5.67 -36.32 15.79
CA LEU B 69 5.91 -35.85 17.15
C LEU B 69 6.53 -36.94 18.00
N ASP B 70 6.11 -38.20 17.82
CA ASP B 70 6.72 -39.26 18.60
C ASP B 70 8.23 -39.30 18.35
N ALA B 71 8.64 -39.16 17.09
CA ALA B 71 10.05 -39.17 16.76
C ALA B 71 10.77 -37.97 17.33
N VAL B 72 10.18 -36.79 17.17
CA VAL B 72 10.79 -35.56 17.65
C VAL B 72 10.96 -35.60 19.16
N SER B 73 9.91 -36.06 19.87
CA SER B 73 9.96 -36.12 21.32
C SER B 73 11.02 -37.09 21.80
N ALA B 74 11.19 -38.21 21.11
CA ALA B 74 12.16 -39.21 21.53
C ALA B 74 13.58 -38.79 21.25
N THR B 75 13.85 -38.24 20.04
CA THR B 75 15.22 -37.98 19.61
C THR B 75 15.67 -36.56 19.85
N ARG B 76 14.74 -35.64 20.09
CA ARG B 76 15.03 -34.26 20.45
C ARG B 76 15.64 -33.47 19.32
N GLY B 77 15.40 -33.88 18.08
CA GLY B 77 15.86 -33.14 16.93
C GLY B 77 14.83 -33.20 15.82
N PHE B 78 14.83 -32.15 14.98
CA PHE B 78 13.96 -32.15 13.82
C PHE B 78 14.50 -31.18 12.82
N ALA B 79 14.09 -31.35 11.57
CA ALA B 79 14.40 -30.43 10.50
C ALA B 79 13.13 -29.79 9.96
N VAL B 80 13.22 -28.49 9.69
CA VAL B 80 12.14 -27.75 9.09
C VAL B 80 12.55 -27.48 7.63
N ASN B 81 11.85 -28.10 6.68
CA ASN B 81 12.15 -27.98 5.26
C ASN B 81 11.13 -27.02 4.66
N LEU B 82 11.55 -25.82 4.31
CA LEU B 82 10.64 -24.82 3.75
C LEU B 82 10.48 -25.09 2.25
N LEU B 83 9.24 -25.31 1.82
CA LEU B 83 8.96 -25.70 0.44
C LEU B 83 8.92 -24.52 -0.50
N HIS B 84 9.54 -24.70 -1.67
CA HIS B 84 9.40 -23.75 -2.75
C HIS B 84 8.18 -24.06 -3.60
N ASP B 85 7.94 -23.21 -4.61
CA ASP B 85 6.73 -23.30 -5.41
C ASP B 85 6.67 -24.55 -6.28
N GLY B 86 7.73 -25.31 -6.36
CA GLY B 86 7.72 -26.61 -6.98
C GLY B 86 7.43 -27.75 -6.05
N GLY B 87 7.13 -27.46 -4.79
CA GLY B 87 7.02 -28.48 -3.78
C GLY B 87 5.62 -28.88 -3.39
N ARG B 88 4.60 -28.54 -4.16
CA ARG B 88 3.24 -28.92 -3.79
C ARG B 88 3.09 -30.43 -3.62
N HIS B 89 3.64 -31.22 -4.54
CA HIS B 89 3.48 -32.66 -4.44
C HIS B 89 4.06 -33.19 -3.14
N ALA B 90 5.20 -32.66 -2.72
CA ALA B 90 5.76 -33.05 -1.42
C ALA B 90 4.81 -32.71 -0.28
N ALA B 91 4.19 -31.54 -0.32
CA ALA B 91 3.22 -31.20 0.74
C ALA B 91 2.04 -32.16 0.74
N GLU B 92 1.59 -32.57 -0.44
CA GLU B 92 0.50 -33.55 -0.54
C GLU B 92 0.95 -34.92 0.00
N VAL B 93 2.14 -35.39 -0.41
CA VAL B 93 2.64 -36.68 0.08
C VAL B 93 2.69 -36.68 1.58
N PHE B 94 3.22 -35.60 2.17
CA PHE B 94 3.48 -35.55 3.60
C PHE B 94 2.28 -35.17 4.44
N SER B 95 1.11 -35.00 3.83
CA SER B 95 -0.14 -34.86 4.56
C SER B 95 -1.14 -35.94 4.19
N GLY B 96 -0.78 -36.86 3.31
CA GLY B 96 -1.71 -37.87 2.84
C GLY B 96 -1.46 -39.28 3.35
N PRO B 97 -2.21 -40.24 2.81
CA PRO B 97 -2.25 -41.61 3.34
C PRO B 97 -1.17 -42.55 2.83
N ASP B 98 -0.21 -42.11 2.02
CA ASP B 98 0.78 -43.07 1.52
C ASP B 98 1.55 -43.64 2.70
N PRO B 99 1.73 -44.96 2.79
CA PRO B 99 2.45 -45.54 3.93
C PRO B 99 3.96 -45.38 3.91
N ASN B 100 4.53 -44.87 2.82
CA ASN B 100 5.99 -44.89 2.64
C ASN B 100 6.37 -43.55 1.98
N ARG B 101 6.18 -42.47 2.73
CA ARG B 101 6.29 -41.15 2.15
C ARG B 101 7.68 -40.86 1.59
N PHE B 102 8.72 -41.37 2.23
CA PHE B 102 10.06 -41.05 1.74
C PHE B 102 10.42 -41.79 0.46
N SER B 103 9.59 -42.72 0.04
CA SER B 103 9.78 -43.31 -1.28
C SER B 103 9.20 -42.45 -2.40
N ARG B 104 8.45 -41.40 -2.08
CA ARG B 104 7.69 -40.62 -3.06
C ARG B 104 8.29 -39.24 -3.29
N VAL B 105 9.37 -38.90 -2.58
CA VAL B 105 10.08 -37.64 -2.78
C VAL B 105 11.57 -37.97 -2.92
N GLN B 106 12.30 -37.06 -3.53
CA GLN B 106 13.75 -37.10 -3.57
C GLN B 106 14.28 -36.42 -2.33
N TRP B 107 15.16 -37.06 -1.61
CA TRP B 107 15.62 -36.52 -0.34
C TRP B 107 17.02 -37.02 -0.06
N LYS B 108 17.67 -36.38 0.91
N LYS B 108 17.67 -36.37 0.89
CA LYS B 108 18.98 -36.82 1.34
CA LYS B 108 19.01 -36.76 1.32
C LYS B 108 19.09 -36.67 2.84
C LYS B 108 19.10 -36.65 2.83
N GLN B 109 20.09 -37.32 3.40
CA GLN B 109 20.32 -37.26 4.84
C GLN B 109 21.57 -36.46 5.09
N CYS B 110 21.42 -35.42 5.93
N CYS B 110 21.45 -35.44 5.93
CA CYS B 110 22.56 -34.65 6.40
CA CYS B 110 22.61 -34.68 6.36
C CYS B 110 23.37 -35.48 7.41
C CYS B 110 23.42 -35.52 7.35
N ARG B 111 24.54 -34.95 7.79
CA ARG B 111 25.40 -35.63 8.75
C ARG B 111 24.63 -35.99 10.01
N SER B 112 23.70 -35.13 10.41
CA SER B 112 22.91 -35.34 11.62
C SER B 112 21.96 -36.52 11.49
N GLY B 113 21.73 -37.00 10.28
CA GLY B 113 20.71 -37.97 10.01
C GLY B 113 19.35 -37.39 9.63
N LEU B 114 19.13 -36.10 9.85
CA LEU B 114 17.79 -35.59 9.62
C LEU B 114 17.46 -35.59 8.12
N PRO B 115 16.24 -35.96 7.74
CA PRO B 115 15.88 -35.93 6.32
C PRO B 115 15.74 -34.51 5.77
N TRP B 116 16.35 -34.29 4.61
N TRP B 116 16.47 -34.23 4.69
CA TRP B 116 16.35 -33.01 3.93
CA TRP B 116 16.35 -32.98 3.94
C TRP B 116 15.70 -33.21 2.56
C TRP B 116 15.63 -33.29 2.62
N LEU B 117 14.58 -32.53 2.34
CA LEU B 117 13.85 -32.63 1.06
C LEU B 117 14.52 -31.67 0.09
N SER B 118 15.69 -32.08 -0.39
CA SER B 118 16.59 -31.15 -1.08
C SER B 118 16.12 -30.76 -2.47
N LYS B 119 15.14 -31.43 -3.03
CA LYS B 119 14.59 -31.04 -4.32
C LYS B 119 13.32 -30.21 -4.21
N ASP B 120 12.59 -30.29 -3.10
CA ASP B 120 11.33 -29.59 -2.92
C ASP B 120 11.40 -28.42 -1.98
N ALA B 121 12.50 -28.28 -1.24
CA ALA B 121 12.67 -27.22 -0.26
C ALA B 121 13.78 -26.29 -0.69
N PHE B 122 13.58 -25.00 -0.47
CA PHE B 122 14.63 -24.03 -0.70
C PHE B 122 15.48 -23.74 0.54
N ALA B 123 15.05 -24.17 1.73
CA ALA B 123 15.81 -23.97 2.93
C ALA B 123 15.49 -25.12 3.85
N VAL B 124 16.47 -25.48 4.68
N VAL B 124 16.49 -25.47 4.66
CA VAL B 124 16.26 -26.46 5.73
CA VAL B 124 16.39 -26.46 5.71
C VAL B 124 16.97 -25.98 6.99
C VAL B 124 16.96 -25.85 6.98
N ALA B 125 16.26 -26.01 8.09
CA ALA B 125 16.79 -25.61 9.40
C ALA B 125 16.79 -26.86 10.28
N GLU B 126 17.97 -27.24 10.75
CA GLU B 126 18.09 -28.35 11.70
C GLU B 126 18.00 -27.77 13.09
N CYS B 127 17.17 -28.38 13.93
CA CYS B 127 16.82 -27.84 15.23
C CYS B 127 16.99 -28.87 16.34
N ARG B 128 17.40 -28.39 17.51
CA ARG B 128 17.37 -29.17 18.74
C ARG B 128 16.11 -28.76 19.50
N VAL B 129 15.36 -29.75 20.00
CA VAL B 129 14.22 -29.46 20.85
C VAL B 129 14.71 -28.84 22.14
N SER B 130 14.24 -27.64 22.44
CA SER B 130 14.62 -26.93 23.65
C SER B 130 13.48 -26.84 24.65
N GLY B 131 12.29 -27.29 24.29
CA GLY B 131 11.16 -27.31 25.17
C GLY B 131 9.93 -27.71 24.40
N THR B 132 8.87 -28.04 25.13
CA THR B 132 7.60 -28.39 24.54
C THR B 132 6.49 -27.87 25.43
N GLN B 133 5.32 -27.62 24.85
CA GLN B 133 4.14 -27.22 25.62
C GLN B 133 2.92 -27.91 25.01
N GLU B 134 2.31 -28.81 25.76
CA GLU B 134 1.07 -29.46 25.39
C GLU B 134 -0.05 -28.43 25.34
N VAL B 135 -0.86 -28.47 24.29
CA VAL B 135 -2.01 -27.58 24.15
C VAL B 135 -3.13 -28.37 23.48
N GLY B 136 -4.14 -28.71 24.26
CA GLY B 136 -5.21 -29.55 23.73
C GLY B 136 -4.66 -30.86 23.16
N ASP B 137 -5.02 -31.15 21.92
CA ASP B 137 -4.64 -32.37 21.20
C ASP B 137 -3.26 -32.25 20.55
N HIS B 138 -2.55 -31.17 20.78
CA HIS B 138 -1.31 -30.87 20.07
C HIS B 138 -0.22 -30.49 21.05
N THR B 139 1.00 -30.37 20.53
CA THR B 139 2.16 -29.94 21.30
C THR B 139 2.95 -28.91 20.50
N VAL B 140 3.22 -27.77 21.13
CA VAL B 140 4.15 -26.79 20.61
C VAL B 140 5.55 -27.28 20.91
N VAL B 141 6.38 -27.39 19.89
CA VAL B 141 7.77 -27.83 20.02
C VAL B 141 8.65 -26.63 19.72
N PHE B 142 9.50 -26.28 20.66
CA PHE B 142 10.46 -25.21 20.47
C PHE B 142 11.75 -25.82 19.93
N GLY B 143 12.23 -25.23 18.85
CA GLY B 143 13.46 -25.66 18.21
C GLY B 143 14.52 -24.61 18.17
N GLU B 144 15.60 -24.84 18.89
CA GLU B 144 16.78 -24.00 18.81
C GLU B 144 17.52 -24.38 17.53
N VAL B 145 17.60 -23.44 16.61
CA VAL B 145 18.21 -23.72 15.31
C VAL B 145 19.71 -23.93 15.46
N ALA B 146 20.19 -25.05 14.93
CA ALA B 146 21.61 -25.40 14.99
C ALA B 146 22.33 -25.17 13.69
N ARG B 147 21.68 -25.41 12.56
CA ARG B 147 22.28 -25.30 11.25
C ARG B 147 21.20 -24.90 10.27
N ILE B 148 21.54 -24.04 9.31
CA ILE B 148 20.63 -23.62 8.25
C ILE B 148 21.34 -23.75 6.92
N ALA B 149 20.66 -24.31 5.93
CA ALA B 149 21.08 -24.22 4.54
C ALA B 149 19.95 -23.57 3.75
N GLN B 150 20.28 -22.52 3.00
CA GLN B 150 19.25 -21.74 2.34
C GLN B 150 19.74 -21.32 0.97
N THR B 151 18.86 -21.48 -0.01
CA THR B 151 19.10 -21.08 -1.38
CA THR B 151 19.10 -21.07 -1.37
C THR B 151 17.93 -20.22 -1.84
N ASP B 152 18.11 -19.57 -2.99
N ASP B 152 18.12 -19.58 -3.00
CA ASP B 152 17.05 -18.82 -3.60
CA ASP B 152 17.06 -18.79 -3.59
C ASP B 152 15.88 -19.73 -3.92
C ASP B 152 15.89 -19.69 -3.99
N GLY B 153 14.69 -19.18 -3.80
CA GLY B 153 13.50 -19.90 -4.23
C GLY B 153 12.28 -19.09 -3.90
N THR B 154 11.22 -19.36 -4.63
CA THR B 154 9.94 -18.72 -4.39
C THR B 154 9.16 -19.59 -3.40
N PRO B 155 8.79 -19.08 -2.22
CA PRO B 155 8.06 -19.92 -1.27
C PRO B 155 6.70 -20.37 -1.78
N LEU B 156 6.39 -21.63 -1.50
CA LEU B 156 5.03 -22.12 -1.61
C LEU B 156 4.19 -21.53 -0.49
N LEU B 157 2.92 -21.25 -0.77
CA LEU B 157 1.98 -20.75 0.23
C LEU B 157 0.79 -21.68 0.31
N TYR B 158 0.14 -21.64 1.45
CA TYR B 158 -1.14 -22.27 1.67
C TYR B 158 -2.05 -21.25 2.33
N GLY B 159 -3.24 -21.09 1.77
CA GLY B 159 -4.20 -20.15 2.31
C GLY B 159 -5.55 -20.29 1.64
N LEU B 160 -6.62 -19.99 2.36
N LEU B 160 -6.61 -19.93 2.33
CA LEU B 160 -7.96 -20.03 1.78
CA LEU B 160 -7.96 -20.05 1.77
C LEU B 160 -8.23 -21.41 1.17
C LEU B 160 -8.13 -21.40 1.10
N ARG B 161 -7.70 -22.44 1.84
CA ARG B 161 -7.88 -23.83 1.45
C ARG B 161 -7.32 -24.15 0.07
N SER B 162 -6.20 -23.51 -0.28
N SER B 162 -6.23 -23.46 -0.30
CA SER B 162 -5.56 -23.70 -1.57
CA SER B 162 -5.57 -23.63 -1.59
C SER B 162 -4.07 -23.44 -1.49
C SER B 162 -4.06 -23.49 -1.44
N PHE B 163 -3.33 -24.11 -2.36
CA PHE B 163 -1.94 -23.79 -2.56
C PHE B 163 -1.81 -22.59 -3.50
N ALA B 164 -0.78 -21.80 -3.26
CA ALA B 164 -0.39 -20.71 -4.14
C ALA B 164 1.11 -20.51 -4.01
N ALA B 165 1.66 -19.64 -4.81
CA ALA B 165 3.06 -19.26 -4.70
C ALA B 165 3.17 -17.82 -4.25
N TRP B 166 4.22 -17.53 -3.50
CA TRP B 166 4.54 -16.13 -3.21
C TRP B 166 4.56 -15.38 -4.55
N PRO B 167 3.88 -14.25 -4.68
CA PRO B 167 3.52 -13.77 -6.02
C PRO B 167 4.56 -12.90 -6.69
N LEU B 168 5.64 -12.56 -6.02
CA LEU B 168 6.57 -11.64 -6.64
C LEU B 168 7.99 -12.15 -6.56
N PRO B 169 8.83 -11.73 -7.51
CA PRO B 169 10.22 -12.16 -7.51
C PRO B 169 10.98 -11.58 -6.31
N SER B 170 12.11 -12.21 -6.02
CA SER B 170 13.09 -11.62 -5.12
C SER B 170 13.78 -10.44 -5.79
N THR C 11 19.53 23.86 -15.89
CA THR C 11 19.93 25.27 -15.74
C THR C 11 19.41 25.83 -14.41
N THR C 12 19.87 27.02 -14.01
CA THR C 12 19.35 27.63 -12.79
C THR C 12 17.86 27.96 -12.94
N GLU C 13 17.48 28.49 -14.11
N GLU C 13 17.48 28.49 -14.11
CA GLU C 13 16.07 28.74 -14.39
CA GLU C 13 16.06 28.74 -14.38
C GLU C 13 15.25 27.45 -14.34
C GLU C 13 15.25 27.44 -14.31
N GLN C 14 15.74 26.38 -14.96
CA GLN C 14 15.05 25.09 -14.83
C GLN C 14 14.99 24.66 -13.38
N GLN C 15 16.06 24.87 -12.61
CA GLN C 15 16.04 24.45 -11.21
C GLN C 15 14.98 25.21 -10.41
N HIS C 16 14.85 26.52 -10.64
CA HIS C 16 13.85 27.29 -9.92
C HIS C 16 12.46 26.80 -10.27
N TYR C 17 12.27 26.40 -11.53
CA TYR C 17 10.97 25.88 -11.94
C TYR C 17 10.69 24.53 -11.27
N ARG C 18 11.68 23.65 -11.21
CA ARG C 18 11.49 22.39 -10.51
C ARG C 18 11.15 22.63 -9.05
N ASP C 19 11.85 23.58 -8.41
CA ASP C 19 11.54 23.87 -7.00
C ASP C 19 10.10 24.34 -6.84
N LEU C 20 9.61 25.15 -7.78
CA LEU C 20 8.23 25.63 -7.74
C LEU C 20 7.23 24.48 -7.87
N MET C 21 7.38 23.67 -8.92
CA MET C 21 6.40 22.63 -9.17
C MET C 21 6.47 21.54 -8.13
N SER C 22 7.64 21.35 -7.49
N SER C 22 7.62 21.37 -7.50
CA SER C 22 7.72 20.41 -6.38
CA SER C 22 7.73 20.42 -6.41
C SER C 22 6.71 20.77 -5.30
C SER C 22 6.83 20.80 -5.23
N ALA C 23 6.43 22.06 -5.13
CA ALA C 23 5.60 22.55 -4.04
C ALA C 23 4.12 22.58 -4.40
N PHE C 24 3.72 21.96 -5.52
CA PHE C 24 2.33 21.71 -5.90
C PHE C 24 2.13 20.20 -5.75
N PRO C 25 1.71 19.73 -4.58
CA PRO C 25 1.61 18.28 -4.38
C PRO C 25 0.46 17.72 -5.20
N THR C 26 0.52 16.42 -5.47
CA THR C 26 -0.50 15.74 -6.25
C THR C 26 -0.64 14.30 -5.76
N GLY C 27 -1.72 13.68 -6.20
CA GLY C 27 -1.79 12.25 -6.19
C GLY C 27 -0.78 11.65 -7.15
N ILE C 28 -0.71 10.33 -7.19
CA ILE C 28 0.24 9.64 -8.05
CA ILE C 28 0.24 9.64 -8.06
C ILE C 28 -0.51 8.53 -8.78
N ALA C 29 -0.32 8.46 -10.09
CA ALA C 29 -0.89 7.39 -10.86
C ALA C 29 0.19 6.54 -11.50
N VAL C 30 -0.20 5.36 -11.93
CA VAL C 30 0.55 4.64 -12.94
C VAL C 30 -0.34 4.61 -14.18
N VAL C 31 0.15 5.17 -15.26
CA VAL C 31 -0.55 5.20 -16.53
C VAL C 31 -0.05 4.01 -17.34
N THR C 32 -0.98 3.16 -17.74
CA THR C 32 -0.65 1.93 -18.45
C THR C 32 -1.31 1.89 -19.83
N SER C 33 -0.77 1.03 -20.70
CA SER C 33 -1.32 0.84 -22.03
C SER C 33 -0.80 -0.50 -22.51
N LEU C 34 -1.33 -0.94 -23.64
CA LEU C 34 -0.69 -1.99 -24.41
C LEU C 34 -0.07 -1.38 -25.65
N ASP C 35 1.07 -1.90 -26.06
CA ASP C 35 1.61 -1.40 -27.31
C ASP C 35 0.91 -2.10 -28.47
N ALA C 36 1.31 -1.74 -29.68
CA ALA C 36 0.65 -2.27 -30.86
C ALA C 36 0.75 -3.79 -30.96
N GLN C 37 1.71 -4.41 -30.27
N GLN C 37 1.71 -4.40 -30.26
CA GLN C 37 1.85 -5.86 -30.29
CA GLN C 37 1.90 -5.84 -30.27
C GLN C 37 1.28 -6.53 -29.06
C GLN C 37 1.29 -6.53 -29.06
N GLY C 38 0.57 -5.79 -28.20
CA GLY C 38 -0.07 -6.37 -27.05
C GLY C 38 0.78 -6.42 -25.80
N VAL C 39 1.97 -5.84 -25.81
CA VAL C 39 2.86 -5.90 -24.65
C VAL C 39 2.48 -4.80 -23.65
N PRO C 40 2.40 -5.09 -22.35
CA PRO C 40 2.02 -4.05 -21.38
C PRO C 40 3.14 -3.05 -21.19
N ARG C 41 2.74 -1.77 -21.11
CA ARG C 41 3.65 -0.65 -20.92
C ARG C 41 3.06 0.24 -19.84
N GLY C 42 3.90 0.99 -19.15
CA GLY C 42 3.36 1.94 -18.21
C GLY C 42 4.45 2.77 -17.56
N MET C 43 4.01 3.81 -16.84
CA MET C 43 4.92 4.69 -16.13
C MET C 43 4.21 5.36 -14.98
N THR C 44 5.00 5.78 -14.00
CA THR C 44 4.52 6.64 -12.93
C THR C 44 4.29 8.04 -13.49
N CYS C 45 3.15 8.63 -13.11
N CYS C 45 3.13 8.59 -13.17
CA CYS C 45 2.65 9.88 -13.69
CA CYS C 45 2.70 9.89 -13.65
C CYS C 45 2.00 10.72 -12.60
C CYS C 45 2.10 10.67 -12.49
N SER C 46 2.50 11.94 -12.40
CA SER C 46 1.84 12.85 -11.49
C SER C 46 1.13 13.98 -12.20
N SER C 47 1.09 13.97 -13.54
N SER C 47 1.18 14.04 -13.52
CA SER C 47 0.52 15.06 -14.31
CA SER C 47 0.51 15.09 -14.27
C SER C 47 -0.98 14.88 -14.64
C SER C 47 -0.86 14.64 -14.80
N VAL C 48 -1.65 13.99 -13.93
CA VAL C 48 -3.07 13.79 -14.18
C VAL C 48 -3.81 15.05 -13.78
N THR C 49 -4.61 15.60 -14.68
N THR C 49 -4.73 15.49 -14.63
CA THR C 49 -5.53 16.64 -14.25
CA THR C 49 -5.45 16.73 -14.46
C THR C 49 -6.82 16.58 -15.04
C THR C 49 -6.84 16.55 -15.06
N SER C 50 -7.85 17.09 -14.41
CA SER C 50 -9.17 17.09 -15.00
C SER C 50 -9.24 18.22 -16.03
N ALA C 51 -9.80 17.93 -17.20
CA ALA C 51 -9.92 18.93 -18.24
C ALA C 51 -11.33 19.43 -18.45
N THR C 52 -12.33 18.52 -18.56
CA THR C 52 -13.72 18.94 -18.80
C THR C 52 -14.66 17.80 -18.41
N LEU C 53 -15.94 18.15 -18.23
CA LEU C 53 -16.98 17.16 -18.00
C LEU C 53 -17.81 16.83 -19.23
N SER C 54 -17.56 17.47 -20.37
N SER C 54 -17.58 17.49 -20.36
CA SER C 54 -18.42 17.36 -21.55
CA SER C 54 -18.43 17.33 -21.54
C SER C 54 -17.61 16.97 -22.77
C SER C 54 -17.57 16.97 -22.74
N PRO C 55 -17.32 15.67 -22.95
CA PRO C 55 -17.59 14.57 -22.04
C PRO C 55 -16.45 14.48 -21.01
N PRO C 56 -16.61 13.69 -19.95
CA PRO C 56 -15.53 13.57 -18.97
C PRO C 56 -14.21 13.22 -19.61
N THR C 57 -13.23 14.10 -19.41
CA THR C 57 -11.94 14.05 -20.07
C THR C 57 -10.89 14.51 -19.08
N LEU C 58 -9.87 13.68 -18.91
CA LEU C 58 -8.71 14.04 -18.14
C LEU C 58 -7.55 14.23 -19.10
N LEU C 59 -6.45 14.75 -18.58
CA LEU C 59 -5.21 14.81 -19.36
C LEU C 59 -4.06 14.28 -18.54
N VAL C 60 -3.05 13.79 -19.25
CA VAL C 60 -1.76 13.45 -18.70
C VAL C 60 -0.71 14.07 -19.61
N CYS C 61 0.49 14.26 -19.08
N CYS C 61 0.48 14.29 -19.05
CA CYS C 61 1.59 14.82 -19.87
CA CYS C 61 1.62 14.79 -19.82
C CYS C 61 2.75 13.84 -19.86
C CYS C 61 2.67 13.70 -19.84
N LEU C 62 3.08 13.28 -21.04
CA LEU C 62 4.04 12.18 -21.14
C LEU C 62 5.22 12.58 -22.02
N ARG C 63 6.38 12.06 -21.70
CA ARG C 63 7.58 12.40 -22.44
C ARG C 63 7.57 11.78 -23.84
N ASN C 64 7.95 12.59 -24.83
CA ASN C 64 8.03 12.07 -26.19
C ASN C 64 9.13 11.03 -26.26
N GLY C 65 8.84 9.91 -26.91
CA GLY C 65 9.79 8.83 -27.02
C GLY C 65 9.72 7.83 -25.88
N SER C 66 8.92 8.10 -24.85
CA SER C 66 8.77 7.13 -23.79
C SER C 66 8.02 5.92 -24.33
N ALA C 67 8.31 4.78 -23.75
CA ALA C 67 7.60 3.58 -24.17
C ALA C 67 6.10 3.71 -23.94
N THR C 68 5.71 4.36 -22.83
CA THR C 68 4.29 4.52 -22.56
C THR C 68 3.62 5.41 -23.61
N LEU C 69 4.21 6.58 -23.93
CA LEU C 69 3.57 7.41 -24.93
C LEU C 69 3.55 6.73 -26.29
N ASP C 70 4.60 5.98 -26.62
CA ASP C 70 4.60 5.27 -27.89
C ASP C 70 3.38 4.35 -27.97
N ALA C 71 3.10 3.62 -26.89
CA ALA C 71 1.98 2.70 -26.87
C ALA C 71 0.66 3.43 -26.91
N VAL C 72 0.54 4.51 -26.12
CA VAL C 72 -0.68 5.29 -26.08
C VAL C 72 -0.98 5.89 -27.44
N SER C 73 0.04 6.41 -28.11
CA SER C 73 -0.16 7.02 -29.43
C SER C 73 -0.60 5.98 -30.46
N ALA C 74 -0.04 4.77 -30.37
CA ALA C 74 -0.34 3.76 -31.38
C ALA C 74 -1.72 3.14 -31.19
N THR C 75 -2.09 2.85 -29.92
CA THR C 75 -3.34 2.15 -29.64
C THR C 75 -4.49 3.08 -29.26
N ARG C 76 -4.19 4.34 -28.91
CA ARG C 76 -5.21 5.36 -28.58
C ARG C 76 -6.04 4.99 -27.35
N GLY C 77 -5.47 4.25 -26.43
CA GLY C 77 -6.12 3.96 -25.17
C GLY C 77 -5.09 3.87 -24.05
N PHE C 78 -5.55 4.17 -22.83
CA PHE C 78 -4.67 4.06 -21.67
C PHE C 78 -5.53 3.92 -20.43
N ALA C 79 -4.92 3.43 -19.37
CA ALA C 79 -5.57 3.37 -18.07
C ALA C 79 -4.80 4.23 -17.07
N VAL C 80 -5.55 4.94 -16.25
CA VAL C 80 -4.99 5.74 -15.16
C VAL C 80 -5.28 5.00 -13.87
N ASN C 81 -4.25 4.48 -13.24
CA ASN C 81 -4.38 3.73 -11.99
C ASN C 81 -3.97 4.66 -10.84
N LEU C 82 -4.92 5.07 -10.03
CA LEU C 82 -4.63 6.00 -8.93
C LEU C 82 -4.17 5.21 -7.72
N LEU C 83 -2.96 5.51 -7.26
CA LEU C 83 -2.36 4.70 -6.20
C LEU C 83 -2.85 5.08 -4.82
N HIS C 84 -3.09 4.06 -3.99
CA HIS C 84 -3.41 4.27 -2.60
C HIS C 84 -2.12 4.31 -1.78
N ASP C 85 -2.26 4.56 -0.47
CA ASP C 85 -1.12 4.78 0.42
C ASP C 85 -0.23 3.55 0.60
N GLY C 86 -0.64 2.41 0.10
CA GLY C 86 0.18 1.23 0.02
C GLY C 86 0.96 1.09 -1.27
N GLY C 87 0.90 2.08 -2.16
CA GLY C 87 1.44 1.94 -3.49
C GLY C 87 2.78 2.57 -3.82
N ARG C 88 3.55 2.96 -2.80
CA ARG C 88 4.82 3.61 -3.07
C ARG C 88 5.73 2.71 -3.89
N HIS C 89 5.82 1.44 -3.55
CA HIS C 89 6.73 0.57 -4.28
C HIS C 89 6.35 0.50 -5.76
N ALA C 90 5.06 0.44 -6.07
CA ALA C 90 4.65 0.47 -7.47
C ALA C 90 5.06 1.77 -8.15
N ALA C 91 4.92 2.90 -7.46
CA ALA C 91 5.38 4.16 -8.04
C ALA C 91 6.88 4.14 -8.31
N GLU C 92 7.66 3.52 -7.42
CA GLU C 92 9.10 3.42 -7.62
C GLU C 92 9.44 2.48 -8.77
N VAL C 93 8.78 1.33 -8.83
CA VAL C 93 8.99 0.39 -9.93
C VAL C 93 8.73 1.09 -11.25
N PHE C 94 7.61 1.81 -11.35
CA PHE C 94 7.17 2.38 -12.60
C PHE C 94 7.82 3.72 -12.94
N SER C 95 8.79 4.15 -12.16
CA SER C 95 9.65 5.28 -12.51
C SER C 95 11.12 4.90 -12.57
N GLY C 96 11.47 3.66 -12.28
CA GLY C 96 12.86 3.27 -12.16
C GLY C 96 13.33 2.39 -13.30
N PRO C 97 14.53 1.86 -13.19
CA PRO C 97 15.19 1.22 -14.32
C PRO C 97 14.94 -0.28 -14.47
N ASP C 98 14.02 -0.89 -13.73
CA ASP C 98 13.80 -2.33 -13.92
C ASP C 98 13.34 -2.57 -15.35
N PRO C 99 13.89 -3.55 -16.07
CA PRO C 99 13.48 -3.77 -17.46
C PRO C 99 12.14 -4.49 -17.63
N ASN C 100 11.53 -4.97 -16.56
CA ASN C 100 10.37 -5.84 -16.63
C ASN C 100 9.43 -5.44 -15.50
N ARG C 101 8.89 -4.23 -15.59
CA ARG C 101 8.13 -3.66 -14.49
C ARG C 101 6.92 -4.49 -14.10
N PHE C 102 6.22 -5.06 -15.09
CA PHE C 102 5.02 -5.81 -14.78
C PHE C 102 5.30 -7.14 -14.09
N SER C 103 6.55 -7.54 -13.99
CA SER C 103 6.90 -8.70 -13.17
C SER C 103 7.06 -8.34 -11.71
N ARG C 104 7.10 -7.07 -11.37
CA ARG C 104 7.37 -6.60 -10.02
C ARG C 104 6.15 -6.10 -9.28
N VAL C 105 4.97 -6.13 -9.91
CA VAL C 105 3.71 -5.75 -9.27
C VAL C 105 2.70 -6.84 -9.56
N GLN C 106 1.67 -6.91 -8.72
CA GLN C 106 0.51 -7.76 -8.94
C GLN C 106 -0.51 -6.96 -9.73
N TRP C 107 -0.89 -7.46 -10.89
CA TRP C 107 -1.76 -6.70 -11.78
C TRP C 107 -2.66 -7.68 -12.50
N LYS C 108 -3.68 -7.13 -13.16
N LYS C 108 -3.67 -7.13 -13.17
CA LYS C 108 -4.59 -7.93 -13.97
CA LYS C 108 -4.63 -7.91 -13.94
C LYS C 108 -4.98 -7.16 -15.22
C LYS C 108 -4.97 -7.16 -15.22
N GLN C 109 -5.51 -7.88 -16.20
CA GLN C 109 -5.97 -7.25 -17.43
C GLN C 109 -7.48 -7.20 -17.42
N CYS C 110 -8.03 -5.99 -17.56
N CYS C 110 -8.03 -6.00 -17.56
CA CYS C 110 -9.46 -5.86 -17.80
CA CYS C 110 -9.45 -5.87 -17.81
C CYS C 110 -9.80 -6.41 -19.18
C CYS C 110 -9.80 -6.49 -19.16
N ARG C 111 -11.10 -6.52 -19.45
CA ARG C 111 -11.55 -7.02 -20.75
C ARG C 111 -10.98 -6.18 -21.89
N SER C 112 -10.73 -4.90 -21.65
CA SER C 112 -10.16 -4.03 -22.67
C SER C 112 -8.72 -4.40 -22.98
N GLY C 113 -8.07 -5.17 -22.12
CA GLY C 113 -6.66 -5.45 -22.24
C GLY C 113 -5.77 -4.51 -21.45
N LEU C 114 -6.29 -3.37 -21.02
CA LEU C 114 -5.44 -2.41 -20.30
C LEU C 114 -4.97 -2.96 -18.95
N PRO C 115 -3.70 -2.78 -18.60
CA PRO C 115 -3.24 -3.26 -17.29
C PRO C 115 -3.81 -2.46 -16.13
N TRP C 116 -4.24 -3.20 -15.12
N TRP C 116 -4.44 -3.18 -15.19
CA TRP C 116 -4.87 -2.65 -13.93
CA TRP C 116 -4.90 -2.63 -13.92
C TRP C 116 -4.04 -3.09 -12.73
C TRP C 116 -3.96 -3.08 -12.82
N LEU C 117 -3.44 -2.13 -12.05
CA LEU C 117 -2.64 -2.41 -10.85
C LEU C 117 -3.60 -2.59 -9.66
N SER C 118 -4.25 -3.75 -9.63
CA SER C 118 -5.39 -3.94 -8.75
C SER C 118 -5.03 -4.05 -7.29
N LYS C 119 -3.76 -4.27 -6.95
CA LYS C 119 -3.35 -4.33 -5.56
C LYS C 119 -2.79 -3.00 -5.04
N ASP C 120 -2.32 -2.13 -5.91
CA ASP C 120 -1.67 -0.88 -5.51
C ASP C 120 -2.54 0.34 -5.77
N ALA C 121 -3.61 0.21 -6.54
CA ALA C 121 -4.45 1.35 -6.90
C ALA C 121 -5.83 1.16 -6.30
N PHE C 122 -6.42 2.26 -5.86
CA PHE C 122 -7.81 2.25 -5.39
C PHE C 122 -8.80 2.61 -6.48
N ALA C 123 -8.35 3.08 -7.63
CA ALA C 123 -9.25 3.40 -8.71
C ALA C 123 -8.48 3.23 -10.01
N VAL C 124 -9.22 2.84 -11.04
N VAL C 124 -9.24 2.87 -11.05
CA VAL C 124 -8.67 2.82 -12.40
CA VAL C 124 -8.71 2.77 -12.40
C VAL C 124 -9.69 3.38 -13.36
C VAL C 124 -9.73 3.42 -13.34
N ALA C 125 -9.22 4.27 -14.23
CA ALA C 125 -10.04 4.89 -15.27
C ALA C 125 -9.48 4.47 -16.62
N GLU C 126 -10.31 3.84 -17.43
CA GLU C 126 -9.90 3.44 -18.77
C GLU C 126 -10.32 4.56 -19.72
N CYS C 127 -9.39 4.99 -20.57
CA CYS C 127 -9.56 6.19 -21.35
C CYS C 127 -9.27 5.92 -22.83
N ARG C 128 -10.02 6.62 -23.67
CA ARG C 128 -9.76 6.67 -25.11
CA ARG C 128 -9.75 6.67 -25.10
C ARG C 128 -9.08 8.00 -25.42
N VAL C 129 -8.02 7.97 -26.22
CA VAL C 129 -7.33 9.21 -26.55
C VAL C 129 -8.23 10.03 -27.48
N SER C 130 -8.54 11.27 -27.10
CA SER C 130 -9.39 12.13 -27.90
C SER C 130 -8.64 13.29 -28.53
N GLY C 131 -7.40 13.52 -28.17
CA GLY C 131 -6.60 14.59 -28.73
C GLY C 131 -5.25 14.62 -28.04
N THR C 132 -4.33 15.39 -28.60
CA THR C 132 -2.99 15.54 -28.07
C THR C 132 -2.50 16.96 -28.34
N GLN C 133 -1.55 17.42 -27.54
CA GLN C 133 -0.87 18.68 -27.80
C GLN C 133 0.61 18.51 -27.46
N GLU C 134 1.48 18.57 -28.46
CA GLU C 134 2.90 18.63 -28.20
C GLU C 134 3.26 19.92 -27.49
N VAL C 135 4.18 19.79 -26.56
CA VAL C 135 4.73 20.91 -25.84
C VAL C 135 6.19 20.58 -25.61
N GLY C 136 7.03 21.09 -26.50
CA GLY C 136 8.45 20.76 -26.48
C GLY C 136 8.63 19.28 -26.65
N ASP C 137 9.32 18.70 -25.70
CA ASP C 137 9.67 17.29 -25.69
C ASP C 137 8.64 16.42 -24.97
N HIS C 138 7.46 16.95 -24.68
CA HIS C 138 6.37 16.20 -24.06
C HIS C 138 5.12 16.34 -24.91
N THR C 139 4.13 15.48 -24.60
CA THR C 139 2.83 15.54 -25.25
C THR C 139 1.77 15.44 -24.18
N VAL C 140 0.88 16.42 -24.18
CA VAL C 140 -0.34 16.35 -23.38
C VAL C 140 -1.30 15.45 -24.13
N VAL C 141 -1.79 14.42 -23.44
CA VAL C 141 -2.74 13.45 -23.99
C VAL C 141 -4.07 13.66 -23.32
N PHE C 142 -5.11 13.87 -24.11
CA PHE C 142 -6.46 14.00 -23.60
C PHE C 142 -7.13 12.63 -23.62
N GLY C 143 -7.66 12.23 -22.47
CA GLY C 143 -8.29 10.94 -22.31
C GLY C 143 -9.75 11.09 -21.97
N GLU C 144 -10.62 10.72 -22.90
CA GLU C 144 -12.05 10.64 -22.61
C GLU C 144 -12.31 9.35 -21.86
N VAL C 145 -12.87 9.48 -20.65
CA VAL C 145 -13.02 8.34 -19.76
C VAL C 145 -14.12 7.43 -20.27
N ALA C 146 -13.82 6.13 -20.37
CA ALA C 146 -14.77 5.13 -20.86
C ALA C 146 -15.38 4.29 -19.75
N ARG C 147 -14.59 3.93 -18.74
CA ARG C 147 -15.01 3.08 -17.64
C ARG C 147 -14.18 3.46 -16.42
N ILE C 148 -14.80 3.40 -15.26
CA ILE C 148 -14.13 3.64 -13.98
C ILE C 148 -14.47 2.50 -13.04
N ALA C 149 -13.49 2.04 -12.29
CA ALA C 149 -13.69 1.18 -11.13
C ALA C 149 -13.01 1.88 -9.97
N GLN C 150 -13.72 2.02 -8.87
CA GLN C 150 -13.21 2.77 -7.74
C GLN C 150 -13.69 2.15 -6.44
N THR C 151 -12.77 2.05 -5.49
CA THR C 151 -13.02 1.51 -4.17
C THR C 151 -12.44 2.50 -3.17
N ASP C 152 -12.75 2.26 -1.91
CA ASP C 152 -12.25 3.10 -0.84
C ASP C 152 -10.75 2.96 -0.73
N GLY C 153 -10.10 4.04 -0.36
CA GLY C 153 -8.69 3.99 -0.12
C GLY C 153 -8.18 5.38 0.13
N THR C 154 -7.05 5.47 0.81
CA THR C 154 -6.41 6.74 1.08
C THR C 154 -5.42 7.03 -0.04
N PRO C 155 -5.57 8.13 -0.77
CA PRO C 155 -4.65 8.41 -1.87
C PRO C 155 -3.20 8.59 -1.40
N LEU C 156 -2.27 8.02 -2.16
CA LEU C 156 -0.86 8.36 -2.03
C LEU C 156 -0.63 9.74 -2.64
N LEU C 157 0.25 10.52 -2.02
CA LEU C 157 0.63 11.82 -2.55
C LEU C 157 2.13 11.85 -2.82
N TYR C 158 2.52 12.79 -3.67
CA TYR C 158 3.91 13.13 -3.93
C TYR C 158 4.01 14.64 -3.89
N GLY C 159 4.97 15.15 -3.15
CA GLY C 159 5.18 16.58 -3.08
C GLY C 159 6.46 16.85 -2.35
N LEU C 160 7.08 17.98 -2.67
N LEU C 160 7.08 17.98 -2.70
CA LEU C 160 8.29 18.40 -1.98
CA LEU C 160 8.30 18.44 -2.05
C LEU C 160 9.30 17.25 -1.97
C LEU C 160 9.36 17.33 -2.01
N ARG C 161 9.39 16.55 -3.09
CA ARG C 161 10.34 15.49 -3.32
C ARG C 161 10.18 14.31 -2.38
N SER C 162 8.95 14.09 -1.91
N SER C 162 8.95 14.07 -1.91
CA SER C 162 8.67 13.04 -0.94
CA SER C 162 8.71 13.01 -0.94
C SER C 162 7.32 12.40 -1.25
C SER C 162 7.30 12.44 -1.09
N PHE C 163 7.20 11.14 -0.86
CA PHE C 163 5.91 10.47 -0.79
C PHE C 163 5.25 10.78 0.55
N ALA C 164 3.94 10.92 0.53
CA ALA C 164 3.15 11.06 1.75
C ALA C 164 1.78 10.49 1.46
N ALA C 165 0.96 10.33 2.46
CA ALA C 165 -0.41 9.88 2.29
C ALA C 165 -1.33 11.07 2.48
N TRP C 166 -2.47 11.07 1.80
CA TRP C 166 -3.49 12.03 2.14
C TRP C 166 -3.74 11.92 3.65
N PRO C 167 -3.74 13.03 4.39
CA PRO C 167 -3.54 12.93 5.84
C PRO C 167 -4.75 12.63 6.68
N LEU C 168 -5.95 12.59 6.10
CA LEU C 168 -7.13 12.44 6.93
C LEU C 168 -8.07 11.39 6.41
N PRO C 169 -8.83 10.75 7.27
CA PRO C 169 -9.72 9.68 6.83
C PRO C 169 -10.88 10.23 6.04
N SER C 170 -11.62 9.32 5.43
CA SER C 170 -12.86 9.64 4.73
C SER C 170 -13.98 9.94 5.71
N THR D 11 -25.18 13.69 -14.75
CA THR D 11 -25.36 12.30 -15.20
C THR D 11 -24.68 11.34 -14.20
N THR D 12 -25.04 10.06 -14.27
CA THR D 12 -24.40 9.08 -13.40
C THR D 12 -22.93 8.94 -13.78
N GLU D 13 -22.64 8.95 -15.07
CA GLU D 13 -21.25 8.88 -15.51
C GLU D 13 -20.50 10.12 -15.08
N GLN D 14 -21.11 11.30 -15.18
CA GLN D 14 -20.43 12.49 -14.70
C GLN D 14 -20.14 12.38 -13.20
N GLN D 15 -21.09 11.87 -12.43
CA GLN D 15 -20.85 11.74 -11.00
C GLN D 15 -19.73 10.75 -10.70
N HIS D 16 -19.70 9.62 -11.40
CA HIS D 16 -18.60 8.67 -11.20
C HIS D 16 -17.26 9.31 -11.54
N TYR D 17 -17.23 10.15 -12.58
CA TYR D 17 -16.00 10.89 -12.91
C TYR D 17 -15.63 11.90 -11.83
N ARG D 18 -16.59 12.69 -11.35
N ARG D 18 -16.60 12.67 -11.33
CA ARG D 18 -16.32 13.59 -10.21
CA ARG D 18 -16.30 13.60 -10.23
C ARG D 18 -15.77 12.81 -9.02
C ARG D 18 -15.82 12.85 -8.98
N ASP D 19 -16.41 11.67 -8.69
CA ASP D 19 -15.93 10.89 -7.55
C ASP D 19 -14.49 10.42 -7.77
N LEU D 20 -14.14 10.06 -9.00
CA LEU D 20 -12.78 9.65 -9.34
C LEU D 20 -11.80 10.80 -9.13
N MET D 21 -12.08 11.94 -9.75
CA MET D 21 -11.13 13.03 -9.71
C MET D 21 -11.06 13.69 -8.34
N SER D 22 -12.13 13.58 -7.54
N SER D 22 -12.14 13.60 -7.57
CA SER D 22 -12.09 14.07 -6.17
CA SER D 22 -12.09 14.07 -6.20
C SER D 22 -11.03 13.34 -5.36
C SER D 22 -10.99 13.37 -5.41
N ALA D 23 -10.70 12.12 -5.75
CA ALA D 23 -9.73 11.31 -5.03
C ALA D 23 -8.32 11.44 -5.59
N PHE D 24 -8.07 12.43 -6.44
CA PHE D 24 -6.73 12.82 -6.88
C PHE D 24 -6.45 14.18 -6.24
N PRO D 25 -5.86 14.22 -5.04
CA PRO D 25 -5.67 15.50 -4.36
C PRO D 25 -4.58 16.32 -5.04
N THR D 26 -4.66 17.64 -4.83
CA THR D 26 -3.71 18.57 -5.42
C THR D 26 -3.48 19.74 -4.49
N GLY D 27 -2.46 20.51 -4.83
CA GLY D 27 -2.34 21.87 -4.33
C GLY D 27 -3.45 22.73 -4.89
N ILE D 28 -3.45 23.99 -4.49
CA ILE D 28 -4.49 24.92 -4.92
C ILE D 28 -3.80 26.22 -5.29
N ALA D 29 -4.15 26.73 -6.47
CA ALA D 29 -3.69 28.01 -6.94
C ALA D 29 -4.84 28.96 -7.11
N VAL D 30 -4.48 30.23 -7.13
CA VAL D 30 -5.31 31.27 -7.70
C VAL D 30 -4.56 31.81 -8.90
N VAL D 31 -5.18 31.69 -10.08
CA VAL D 31 -4.63 32.15 -11.32
C VAL D 31 -5.20 33.55 -11.56
N THR D 32 -4.32 34.52 -11.73
CA THR D 32 -4.74 35.91 -11.89
C THR D 32 -4.18 36.52 -13.18
N SER D 33 -4.85 37.56 -13.64
CA SER D 33 -4.41 38.35 -14.77
C SER D 33 -5.14 39.69 -14.72
N LEU D 34 -5.04 40.43 -15.80
CA LEU D 34 -5.70 41.72 -15.93
C LEU D 34 -6.61 41.66 -17.14
N ASP D 35 -7.79 42.25 -17.03
CA ASP D 35 -8.60 42.33 -18.25
C ASP D 35 -8.12 43.48 -19.13
N ALA D 36 -8.81 43.67 -20.26
CA ALA D 36 -8.35 44.64 -21.24
C ALA D 36 -8.38 46.07 -20.72
N GLN D 37 -9.18 46.33 -19.69
N GLN D 37 -9.18 46.33 -19.69
CA GLN D 37 -9.26 47.63 -19.06
CA GLN D 37 -9.27 47.62 -19.06
C GLN D 37 -8.36 47.74 -17.84
C GLN D 37 -8.38 47.73 -17.83
N GLY D 38 -7.53 46.73 -17.59
CA GLY D 38 -6.63 46.78 -16.48
C GLY D 38 -7.21 46.30 -15.16
N VAL D 39 -8.40 45.73 -15.16
CA VAL D 39 -9.07 45.28 -13.93
C VAL D 39 -8.49 43.91 -13.53
N PRO D 40 -8.11 43.72 -12.28
CA PRO D 40 -7.66 42.37 -11.88
C PRO D 40 -8.77 41.34 -11.95
N ARG D 41 -8.42 40.17 -12.44
CA ARG D 41 -9.33 39.04 -12.54
C ARG D 41 -8.59 37.81 -12.03
N GLY D 42 -9.34 36.85 -11.51
CA GLY D 42 -8.69 35.61 -11.12
C GLY D 42 -9.69 34.58 -10.67
N MET D 43 -9.19 33.36 -10.56
CA MET D 43 -10.00 32.23 -10.10
C MET D 43 -9.17 31.19 -9.38
N THR D 44 -9.84 30.46 -8.50
CA THR D 44 -9.27 29.28 -7.88
C THR D 44 -9.12 28.20 -8.92
N CYS D 45 -7.96 27.53 -8.91
N CYS D 45 -7.92 27.61 -8.98
CA CYS D 45 -7.57 26.62 -9.97
CA CYS D 45 -7.57 26.58 -9.93
C CYS D 45 -6.78 25.46 -9.37
C CYS D 45 -6.88 25.43 -9.21
N SER D 46 -7.26 24.22 -9.59
CA SER D 46 -6.55 23.02 -9.18
C SER D 46 -5.96 22.27 -10.37
N SER D 47 -6.31 22.66 -11.58
N SER D 47 -6.12 22.77 -11.61
CA SER D 47 -5.77 21.99 -12.76
CA SER D 47 -5.70 22.09 -12.83
C SER D 47 -4.54 22.74 -13.27
C SER D 47 -4.23 22.38 -13.22
N VAL D 48 -3.47 22.94 -12.34
CA VAL D 48 -2.09 23.29 -12.67
C VAL D 48 -1.28 22.01 -12.83
N THR D 49 -0.44 21.96 -13.87
N THR D 49 -0.57 21.85 -13.94
CA THR D 49 0.29 20.77 -14.23
CA THR D 49 0.42 20.78 -14.01
C THR D 49 1.59 21.16 -14.93
C THR D 49 1.63 21.24 -14.79
N SER D 50 2.70 20.49 -14.61
CA SER D 50 3.93 20.76 -15.32
C SER D 50 3.86 20.12 -16.70
N ALA D 51 4.29 20.87 -17.72
CA ALA D 51 4.31 20.39 -19.09
C ALA D 51 5.70 20.00 -19.57
N THR D 52 6.68 20.90 -19.47
CA THR D 52 8.03 20.61 -19.95
C THR D 52 9.03 21.51 -19.24
N LEU D 53 10.31 21.13 -19.32
CA LEU D 53 11.41 21.95 -18.79
C LEU D 53 12.10 22.79 -19.86
N SER D 54 11.81 22.57 -21.14
CA SER D 54 12.58 23.19 -22.23
CA SER D 54 12.58 23.19 -22.22
C SER D 54 11.69 23.96 -23.19
N PRO D 55 11.38 25.21 -22.91
CA PRO D 55 11.70 25.95 -21.68
C PRO D 55 10.66 25.64 -20.60
N PRO D 56 10.86 26.09 -19.38
CA PRO D 56 9.94 25.72 -18.30
C PRO D 56 8.54 26.20 -18.61
N THR D 57 7.59 25.26 -18.64
CA THR D 57 6.23 25.53 -19.11
C THR D 57 5.27 24.71 -18.26
N LEU D 58 4.31 25.38 -17.65
CA LEU D 58 3.21 24.72 -16.98
C LEU D 58 1.95 24.89 -17.82
N LEU D 59 0.87 24.24 -17.40
CA LEU D 59 -0.44 24.45 -17.99
C LEU D 59 -1.49 24.61 -16.92
N VAL D 60 -2.57 25.28 -17.30
CA VAL D 60 -3.78 25.36 -16.51
C VAL D 60 -4.95 25.12 -17.45
N CYS D 61 -6.05 24.61 -16.90
N CYS D 61 -6.08 24.72 -16.90
CA CYS D 61 -7.31 24.42 -17.62
CA CYS D 61 -7.29 24.43 -17.68
C CYS D 61 -8.31 25.44 -17.08
C CYS D 61 -8.44 25.27 -17.17
N LEU D 62 -8.84 26.27 -17.98
CA LEU D 62 -9.77 27.31 -17.56
C LEU D 62 -11.07 27.24 -18.36
N ARG D 63 -12.15 27.55 -17.69
CA ARG D 63 -13.46 27.47 -18.34
C ARG D 63 -13.61 28.54 -19.43
N ASN D 64 -14.12 28.10 -20.58
CA ASN D 64 -14.39 29.04 -21.67
C ASN D 64 -15.44 30.05 -21.23
N GLY D 65 -15.20 31.31 -21.52
CA GLY D 65 -16.11 32.36 -21.14
C GLY D 65 -15.86 32.92 -19.77
N SER D 66 -14.96 32.31 -19.00
CA SER D 66 -14.66 32.86 -17.69
C SER D 66 -13.96 34.21 -17.82
N ALA D 67 -14.22 35.08 -16.86
CA ALA D 67 -13.52 36.35 -16.82
C ALA D 67 -12.02 36.15 -16.74
N THR D 68 -11.56 35.13 -16.01
CA THR D 68 -10.12 34.92 -15.91
C THR D 68 -9.53 34.51 -17.27
N LEU D 69 -10.16 33.57 -17.98
CA LEU D 69 -9.62 33.19 -19.28
C LEU D 69 -9.65 34.39 -20.23
N ASP D 70 -10.69 35.22 -20.17
CA ASP D 70 -10.70 36.39 -21.04
C ASP D 70 -9.53 37.33 -20.73
N ALA D 71 -9.23 37.52 -19.44
CA ALA D 71 -8.12 38.37 -19.03
C ALA D 71 -6.79 37.78 -19.46
N VAL D 72 -6.62 36.49 -19.23
CA VAL D 72 -5.39 35.81 -19.64
C VAL D 72 -5.16 35.97 -21.14
N SER D 73 -6.23 35.84 -21.92
CA SER D 73 -6.10 35.94 -23.37
C SER D 73 -5.73 37.34 -23.82
N ALA D 74 -6.34 38.35 -23.19
CA ALA D 74 -6.05 39.75 -23.51
C ALA D 74 -4.65 40.15 -23.12
N THR D 75 -4.21 39.74 -21.93
CA THR D 75 -2.93 40.16 -21.39
C THR D 75 -1.79 39.37 -21.97
N ARG D 76 -2.06 38.13 -22.37
CA ARG D 76 -1.05 37.20 -22.86
C ARG D 76 -0.12 36.76 -21.75
N GLY D 77 -0.59 36.85 -20.50
CA GLY D 77 0.20 36.44 -19.37
C GLY D 77 -0.72 36.22 -18.18
N PHE D 78 -0.17 35.55 -17.17
CA PHE D 78 -0.95 35.24 -15.99
C PHE D 78 -0.01 34.89 -14.87
N ALA D 79 -0.51 35.04 -13.65
CA ALA D 79 0.24 34.65 -12.47
C ALA D 79 -0.43 33.45 -11.81
N VAL D 80 0.39 32.47 -11.42
CA VAL D 80 -0.05 31.30 -10.68
C VAL D 80 0.36 31.53 -9.24
N ASN D 81 -0.60 31.73 -8.36
CA ASN D 81 -0.36 31.99 -6.93
C ASN D 81 -0.66 30.69 -6.18
N LEU D 82 0.38 30.01 -5.67
CA LEU D 82 0.16 28.77 -4.95
C LEU D 82 -0.16 29.10 -3.49
N LEU D 83 -1.28 28.57 -3.02
CA LEU D 83 -1.76 28.93 -1.69
C LEU D 83 -1.10 28.11 -0.59
N HIS D 84 -0.77 28.78 0.51
CA HIS D 84 -0.27 28.07 1.68
C HIS D 84 -1.43 27.63 2.55
N ASP D 85 -1.13 26.89 3.61
CA ASP D 85 -2.18 26.20 4.34
C ASP D 85 -3.00 27.14 5.22
N GLY D 86 -2.66 28.42 5.24
CA GLY D 86 -3.51 29.45 5.78
C GLY D 86 -4.37 30.13 4.75
N GLY D 87 -4.41 29.64 3.51
CA GLY D 87 -5.02 30.37 2.42
C GLY D 87 -6.40 29.89 1.96
N ARG D 88 -7.08 29.09 2.78
CA ARG D 88 -8.42 28.59 2.42
C ARG D 88 -9.37 29.72 2.07
N HIS D 89 -9.34 30.81 2.84
CA HIS D 89 -10.29 31.87 2.57
C HIS D 89 -10.12 32.44 1.17
N ALA D 90 -8.87 32.61 0.71
CA ALA D 90 -8.63 33.07 -0.65
C ALA D 90 -9.19 32.08 -1.65
N ALA D 91 -9.03 30.78 -1.40
CA ALA D 91 -9.56 29.79 -2.30
C ALA D 91 -11.07 29.89 -2.40
N GLU D 92 -11.73 30.17 -1.26
CA GLU D 92 -13.19 30.33 -1.26
C GLU D 92 -13.61 31.62 -1.96
N VAL D 93 -12.91 32.72 -1.69
CA VAL D 93 -13.23 33.98 -2.36
C VAL D 93 -13.16 33.81 -3.87
N PHE D 94 -12.07 33.17 -4.33
CA PHE D 94 -11.78 33.05 -5.76
C PHE D 94 -12.53 31.93 -6.46
N SER D 95 -13.37 31.21 -5.75
CA SER D 95 -14.26 30.24 -6.38
C SER D 95 -15.73 30.54 -6.18
N GLY D 96 -16.07 31.55 -5.39
CA GLY D 96 -17.43 31.78 -4.99
C GLY D 96 -18.10 32.84 -5.82
N PRO D 97 -19.41 33.00 -5.60
CA PRO D 97 -20.18 33.89 -6.47
C PRO D 97 -20.07 35.35 -6.11
N ASP D 98 -19.54 35.68 -4.95
CA ASP D 98 -19.67 37.05 -4.53
C ASP D 98 -18.76 37.94 -5.40
N PRO D 99 -19.22 39.12 -5.73
N PRO D 99 -19.12 39.24 -5.57
CA PRO D 99 -18.41 40.02 -6.56
CA PRO D 99 -18.74 39.96 -6.80
C PRO D 99 -17.31 40.63 -5.71
C PRO D 99 -17.46 40.79 -6.84
N ASN D 100 -16.46 41.39 -6.41
N ASN D 100 -16.85 41.12 -5.70
CA ASN D 100 -15.42 42.21 -5.81
CA ASN D 100 -15.67 42.00 -5.67
C ASN D 100 -14.37 41.39 -5.07
C ASN D 100 -14.52 41.26 -4.99
N ARG D 101 -13.92 40.31 -5.71
CA ARG D 101 -12.96 39.41 -5.08
C ARG D 101 -11.69 40.13 -4.61
N PHE D 102 -11.15 41.05 -5.41
CA PHE D 102 -9.89 41.67 -5.03
C PHE D 102 -10.04 42.67 -3.89
N SER D 103 -11.25 43.09 -3.55
N SER D 103 -11.26 43.10 -3.57
CA SER D 103 -11.47 43.85 -2.34
CA SER D 103 -11.50 43.86 -2.35
C SER D 103 -11.71 42.97 -1.13
C SER D 103 -11.50 43.00 -1.11
N ARG D 104 -11.48 41.68 -1.26
CA ARG D 104 -11.68 40.73 -0.17
C ARG D 104 -10.41 40.01 0.23
N VAL D 105 -9.30 40.31 -0.43
CA VAL D 105 -8.00 39.74 -0.12
C VAL D 105 -6.96 40.86 -0.14
N GLN D 106 -5.86 40.60 0.57
CA GLN D 106 -4.68 41.46 0.50
C GLN D 106 -3.81 41.04 -0.67
N TRP D 107 -3.55 41.95 -1.58
CA TRP D 107 -2.82 41.61 -2.79
C TRP D 107 -1.97 42.81 -3.21
N LYS D 108 -0.97 42.55 -4.05
N LYS D 108 -0.98 42.55 -4.06
CA LYS D 108 -0.08 43.57 -4.59
CA LYS D 108 -0.12 43.59 -4.60
C LYS D 108 0.07 43.36 -6.09
C LYS D 108 0.09 43.35 -6.09
N GLN D 109 0.37 44.42 -6.81
CA GLN D 109 0.63 44.30 -8.23
C GLN D 109 2.12 44.11 -8.44
N CYS D 110 2.49 43.01 -9.11
N CYS D 110 2.51 43.04 -9.12
CA CYS D 110 3.86 42.81 -9.57
CA CYS D 110 3.91 42.93 -9.47
C CYS D 110 4.27 43.95 -10.51
C CYS D 110 4.29 44.04 -10.43
N ARG D 111 5.58 44.08 -10.76
CA ARG D 111 6.06 45.06 -11.75
C ARG D 111 5.31 44.90 -13.06
N SER D 112 4.97 43.66 -13.43
CA SER D 112 4.28 43.36 -14.67
C SER D 112 2.82 43.80 -14.66
N GLY D 113 2.28 44.16 -13.49
CA GLY D 113 0.85 44.38 -13.37
C GLY D 113 0.05 43.18 -12.89
N LEU D 114 0.63 41.98 -12.91
CA LEU D 114 -0.15 40.79 -12.56
C LEU D 114 -0.47 40.79 -11.07
N PRO D 115 -1.67 40.39 -10.68
CA PRO D 115 -1.98 40.36 -9.23
C PRO D 115 -1.29 39.23 -8.48
N TRP D 116 -0.67 39.59 -7.34
N TRP D 116 -0.59 39.60 -7.41
CA TRP D 116 0.05 38.66 -6.48
CA TRP D 116 0.02 38.64 -6.48
C TRP D 116 -0.65 38.62 -5.11
C TRP D 116 -0.78 38.64 -5.19
N LEU D 117 -1.16 37.44 -4.74
CA LEU D 117 -1.85 37.27 -3.46
C LEU D 117 -0.80 37.09 -2.36
N SER D 118 -0.28 38.23 -1.93
CA SER D 118 0.91 38.27 -1.08
C SER D 118 0.70 37.63 0.28
N LYS D 119 -0.52 37.70 0.80
CA LYS D 119 -0.77 37.18 2.15
CA LYS D 119 -0.77 37.17 2.15
C LYS D 119 -1.21 35.72 2.16
N ASP D 120 -1.83 35.22 1.11
CA ASP D 120 -2.38 33.87 1.09
C ASP D 120 -1.58 32.86 0.30
N ALA D 121 -0.62 33.31 -0.49
CA ALA D 121 0.19 32.46 -1.34
C ALA D 121 1.61 32.40 -0.82
N PHE D 122 2.21 31.22 -0.93
CA PHE D 122 3.62 31.06 -0.62
C PHE D 122 4.50 31.16 -1.86
N ALA D 123 3.91 31.10 -3.07
CA ALA D 123 4.69 31.20 -4.27
C ALA D 123 3.86 31.85 -5.34
N VAL D 124 4.53 32.60 -6.24
N VAL D 124 4.53 32.63 -6.21
CA VAL D 124 3.89 33.20 -7.40
CA VAL D 124 3.91 33.20 -7.40
C VAL D 124 4.81 33.01 -8.61
C VAL D 124 4.83 32.91 -8.58
N ALA D 125 4.25 32.47 -9.69
CA ALA D 125 4.95 32.28 -10.93
C ALA D 125 4.26 33.13 -12.00
N GLU D 126 5.00 34.02 -12.62
CA GLU D 126 4.49 34.84 -13.70
C GLU D 126 4.80 34.13 -15.00
N CYS D 127 3.79 34.02 -15.85
CA CYS D 127 3.86 33.20 -17.04
C CYS D 127 3.40 33.96 -18.27
N ARG D 128 4.02 33.65 -19.40
CA ARG D 128 3.60 34.13 -20.70
C ARG D 128 2.78 33.04 -21.39
N VAL D 129 1.64 33.41 -21.98
CA VAL D 129 0.83 32.44 -22.71
C VAL D 129 1.61 32.01 -23.95
N SER D 130 1.92 30.74 -24.05
CA SER D 130 2.74 30.23 -25.14
C SER D 130 2.01 29.28 -26.07
N GLY D 131 0.76 28.94 -25.77
CA GLY D 131 -0.03 28.05 -26.59
C GLY D 131 -1.35 27.78 -25.89
N THR D 132 -2.33 27.33 -26.65
CA THR D 132 -3.64 27.05 -26.11
C THR D 132 -4.30 25.95 -26.93
N GLN D 133 -5.26 25.28 -26.31
N GLN D 133 -5.19 25.22 -26.30
CA GLN D 133 -6.04 24.26 -27.01
CA GLN D 133 -6.05 24.27 -27.00
C GLN D 133 -7.39 24.09 -26.32
C GLN D 133 -7.38 24.17 -26.29
N GLU D 134 -8.48 24.37 -27.04
N GLU D 134 -8.47 24.27 -27.05
CA GLU D 134 -9.79 24.12 -26.48
CA GLU D 134 -9.80 24.12 -26.48
C GLU D 134 -9.98 22.62 -26.28
C GLU D 134 -10.13 22.64 -26.36
N VAL D 135 -10.65 22.27 -25.19
CA VAL D 135 -11.07 20.89 -24.92
CA VAL D 135 -11.06 20.89 -24.90
C VAL D 135 -12.46 20.96 -24.27
N GLY D 136 -13.46 20.50 -24.97
CA GLY D 136 -14.80 20.62 -24.43
C GLY D 136 -15.13 22.07 -24.13
N ASP D 137 -15.57 22.33 -22.90
CA ASP D 137 -15.99 23.66 -22.52
C ASP D 137 -14.89 24.42 -21.81
N HIS D 138 -13.65 23.93 -21.95
CA HIS D 138 -12.50 24.52 -21.29
C HIS D 138 -11.38 24.76 -22.31
N THR D 139 -10.36 25.52 -21.89
CA THR D 139 -9.17 25.79 -22.69
C THR D 139 -7.96 25.46 -21.85
N VAL D 140 -7.09 24.60 -22.38
CA VAL D 140 -5.76 24.40 -21.83
C VAL D 140 -4.89 25.56 -22.25
N VAL D 141 -4.27 26.23 -21.29
CA VAL D 141 -3.41 27.37 -21.53
C VAL D 141 -2.03 26.98 -21.07
N PHE D 142 -1.05 27.06 -21.96
CA PHE D 142 0.34 26.83 -21.62
C PHE D 142 0.99 28.13 -21.22
N GLY D 143 1.76 28.08 -20.13
CA GLY D 143 2.41 29.22 -19.56
C GLY D 143 3.89 29.00 -19.45
N GLU D 144 4.68 29.70 -20.25
N GLU D 144 4.65 29.75 -20.23
CA GLU D 144 6.12 29.67 -20.11
CA GLU D 144 6.10 29.75 -20.15
C GLU D 144 6.51 30.58 -18.96
C GLU D 144 6.51 30.61 -18.96
N VAL D 145 7.13 30.00 -17.95
CA VAL D 145 7.38 30.71 -16.70
C VAL D 145 8.50 31.71 -16.89
N ALA D 146 8.25 32.95 -16.49
CA ALA D 146 9.21 34.04 -16.65
C ALA D 146 9.92 34.41 -15.37
N ARG D 147 9.18 34.50 -14.28
CA ARG D 147 9.70 34.93 -12.97
CA ARG D 147 9.70 34.92 -12.98
C ARG D 147 8.99 34.12 -11.90
N ILE D 148 9.71 33.76 -10.84
CA ILE D 148 9.17 33.01 -9.71
C ILE D 148 9.61 33.69 -8.42
N ALA D 149 8.68 33.86 -7.50
CA ALA D 149 8.98 34.15 -6.11
C ALA D 149 8.38 33.04 -5.25
N GLN D 150 9.20 32.44 -4.38
CA GLN D 150 8.75 31.27 -3.65
C GLN D 150 9.35 31.28 -2.25
N THR D 151 8.50 30.99 -1.27
CA THR D 151 8.94 30.72 0.10
C THR D 151 8.79 29.25 0.42
N ASP D 152 9.23 28.88 1.62
CA ASP D 152 9.08 27.52 2.14
C ASP D 152 7.75 27.29 2.84
N GLY D 153 6.76 28.15 2.63
CA GLY D 153 5.47 27.94 3.26
C GLY D 153 4.84 26.61 2.88
N THR D 154 4.01 26.10 3.78
CA THR D 154 3.43 24.77 3.63
C THR D 154 2.25 24.83 2.67
N PRO D 155 2.19 23.96 1.65
CA PRO D 155 1.10 24.05 0.69
C PRO D 155 -0.26 23.67 1.29
N LEU D 156 -1.28 24.42 0.89
CA LEU D 156 -2.66 23.99 1.04
C LEU D 156 -2.94 22.83 0.10
N LEU D 157 -3.78 21.89 0.53
CA LEU D 157 -4.23 20.80 -0.33
C LEU D 157 -5.74 20.83 -0.45
N TYR D 158 -6.26 20.31 -1.55
CA TYR D 158 -7.68 20.06 -1.70
C TYR D 158 -7.81 18.64 -2.24
N GLY D 159 -8.66 17.86 -1.61
CA GLY D 159 -8.93 16.51 -2.05
C GLY D 159 -10.08 15.92 -1.26
N LEU D 160 -10.78 14.96 -1.85
N LEU D 160 -10.75 14.95 -1.86
CA LEU D 160 -11.89 14.27 -1.20
CA LEU D 160 -11.86 14.31 -1.18
C LEU D 160 -12.99 15.24 -0.76
C LEU D 160 -12.82 15.37 -0.63
N ARG D 161 -13.05 16.38 -1.44
CA ARG D 161 -14.02 17.44 -1.19
C ARG D 161 -13.74 18.20 0.10
N SER D 162 -12.45 18.35 0.43
N SER D 162 -12.45 18.31 0.46
CA SER D 162 -12.04 19.02 1.65
CA SER D 162 -12.01 18.93 1.70
C SER D 162 -10.67 19.65 1.49
C SER D 162 -10.66 19.63 1.49
N PHE D 163 -10.43 20.68 2.27
CA PHE D 163 -9.12 21.28 2.39
C PHE D 163 -8.32 20.56 3.46
N ALA D 164 -7.02 20.47 3.23
CA ALA D 164 -6.09 19.97 4.23
C ALA D 164 -4.76 20.66 4.03
N ALA D 165 -3.76 20.25 4.80
CA ALA D 165 -2.43 20.83 4.69
C ALA D 165 -1.41 19.75 4.33
N TRP D 166 -0.40 20.10 3.54
CA TRP D 166 0.65 19.15 3.25
C TRP D 166 1.24 18.67 4.57
N PRO D 167 1.35 17.36 4.80
CA PRO D 167 1.61 16.87 6.17
C PRO D 167 3.06 16.85 6.59
N LEU D 168 4.01 17.01 5.68
CA LEU D 168 5.43 16.83 6.03
C LEU D 168 6.13 18.17 6.29
N PRO D 169 7.11 18.21 7.21
CA PRO D 169 7.96 19.40 7.44
C PRO D 169 8.80 19.78 6.21
PA FAD E . 14.07 -9.26 9.40
O1A FAD E . 15.18 -9.82 8.61
O2A FAD E . 14.31 -8.26 10.48
O5B FAD E . 13.19 -10.44 10.11
C5B FAD E . 12.95 -11.65 9.40
C4B FAD E . 12.13 -12.56 10.29
O4B FAD E . 12.98 -12.92 11.42
C3B FAD E . 10.84 -12.00 10.91
O3B FAD E . 9.78 -12.14 10.01
C2B FAD E . 10.70 -12.97 12.09
O2B FAD E . 10.16 -14.20 11.72
C1B FAD E . 12.15 -13.10 12.55
N9A FAD E . 12.51 -12.14 13.57
C8A FAD E . 12.99 -10.87 13.36
N7A FAD E . 13.23 -10.24 14.46
C5A FAD E . 12.80 -11.08 15.46
C6A FAD E . 12.82 -10.98 16.88
N6A FAD E . 13.24 -9.89 17.50
N1A FAD E . 12.36 -12.03 17.57
C2A FAD E . 11.95 -13.10 16.91
N3A FAD E . 11.94 -13.34 15.60
C4A FAD E . 12.37 -12.29 14.93
N1 FAD E . 10.98 -6.10 16.66
C2 FAD E . 11.59 -5.54 17.73
O2 FAD E . 12.04 -4.41 17.73
N3 FAD E . 11.69 -6.26 18.91
C4 FAD E . 11.22 -7.51 19.12
O4 FAD E . 11.36 -8.10 20.15
C4X FAD E . 10.54 -8.11 17.94
N5 FAD E . 10.06 -9.32 18.04
C5X FAD E . 9.50 -9.89 16.98
C6 FAD E . 8.99 -11.18 17.10
C7 FAD E . 8.40 -11.85 16.07
C7M FAD E . 7.87 -13.25 16.27
C8 FAD E . 8.31 -11.17 14.84
C8M FAD E . 7.65 -11.86 13.69
C9 FAD E . 8.84 -9.89 14.68
C9A FAD E . 9.44 -9.21 15.74
N10 FAD E . 9.93 -7.91 15.67
C10 FAD E . 10.51 -7.34 16.74
C1' FAD E . 9.92 -7.17 14.39
C2' FAD E . 11.14 -7.67 13.56
O2' FAD E . 12.38 -7.39 14.16
C3' FAD E . 11.13 -7.11 12.14
O3' FAD E . 11.25 -5.71 12.23
C4' FAD E . 9.81 -7.50 11.38
O4' FAD E . 9.59 -8.88 11.62
C5' FAD E . 10.00 -7.20 9.89
O5' FAD E . 11.25 -7.75 9.56
P FAD E . 11.61 -8.24 8.08
O1P FAD E . 10.85 -9.55 8.00
O2P FAD E . 11.37 -7.37 6.97
O3P FAD E . 13.15 -8.67 8.25
H51A FAD E . 13.79 -12.07 9.16
H52A FAD E . 12.47 -11.46 8.58
H4B FAD E . 11.89 -13.34 9.76
H3B FAD E . 10.94 -11.08 11.17
HO3A FAD E . 9.66 -12.97 9.85
H2B FAD E . 10.17 -12.51 12.76
HO2A FAD E . 10.73 -14.81 11.83
H1B FAD E . 12.28 -13.97 12.93
H8A FAD E . 13.13 -10.55 12.51
H61A FAD E . 13.74 -9.96 18.20
H62A FAD E . 13.05 -9.10 17.22
H2A FAD E . 11.62 -13.79 17.44
HN3 FAD E . 12.08 -5.87 19.56
H6 FAD E . 9.06 -11.59 17.93
HM71 FAD E . 8.08 -13.82 15.50
HM72 FAD E . 6.90 -13.25 16.36
HM73 FAD E . 8.24 -13.67 17.05
HM81 FAD E . 8.02 -12.74 13.53
HM82 FAD E . 7.75 -11.36 12.86
HM83 FAD E . 6.69 -11.97 13.84
H9 FAD E . 8.75 -9.50 13.84
H1'1 FAD E . 9.97 -6.22 14.57
H1'2 FAD E . 9.07 -7.33 13.93
H2' FAD E . 10.97 -8.62 13.55
HO2' FAD E . 12.54 -8.04 14.69
H3' FAD E . 11.87 -7.49 11.65
H4' FAD E . 9.08 -6.96 11.73
HO4' FAD E . 8.78 -9.06 11.83
H5'1 FAD E . 9.99 -6.25 9.72
H5'2 FAD E . 9.31 -7.62 9.36
PA FAD F . 6.30 -0.88 22.75
O1A FAD F . 7.71 -1.08 22.34
O2A FAD F . 5.91 -1.02 24.19
O5B FAD F . 5.92 0.61 22.25
C5B FAD F . 5.00 1.41 22.96
C4B FAD F . 4.53 2.49 22.01
O4B FAD F . 5.65 3.37 21.78
C3B FAD F . 4.12 1.97 20.63
O3B FAD F . 2.74 1.75 20.63
C2B FAD F . 4.54 3.13 19.73
O2B FAD F . 3.52 4.09 19.73
C1B FAD F . 5.81 3.61 20.41
N9A FAD F . 7.02 2.96 19.93
C8A FAD F . 7.17 1.72 19.34
N7A FAD F . 8.42 1.42 19.04
C5A FAD F . 9.12 2.52 19.45
C6A FAD F . 10.48 2.85 19.40
N6A FAD F . 11.38 2.00 18.89
N1A FAD F . 10.86 4.03 19.89
C2A FAD F . 9.95 4.86 20.38
N3A FAD F . 8.64 4.67 20.49
C4A FAD F . 8.28 3.48 20.00
N1 FAD F . 6.59 -8.07 17.35
C2 FAD F . 6.30 -9.10 18.19
O2 FAD F . 6.59 -9.10 19.39
N3 FAD F . 5.66 -10.23 17.68
C4 FAD F . 5.31 -10.41 16.37
O4 FAD F . 4.73 -11.40 15.98
C4X FAD F . 5.65 -9.29 15.50
N5 FAD F . 5.37 -9.39 14.23
C5X FAD F . 5.68 -8.32 13.44
C6 FAD F . 5.40 -8.41 12.05
C7 FAD F . 5.67 -7.41 11.18
C7M FAD F . 5.35 -7.52 9.72
C8 FAD F . 6.28 -6.22 11.67
C8M FAD F . 6.61 -5.05 10.79
C9 FAD F . 6.55 -6.12 13.01
C9A FAD F . 6.27 -7.14 13.92
N10 FAD F . 6.56 -7.09 15.27
C10 FAD F . 6.29 -8.15 16.08
C1' FAD F . 7.14 -5.91 15.92
C2' FAD F . 6.04 -5.10 16.65
O2' FAD F . 4.94 -4.77 15.81
C3' FAD F . 6.61 -3.77 17.16
O3' FAD F . 7.74 -4.08 17.97
C4' FAD F . 5.62 -2.87 17.93
O4' FAD F . 6.23 -1.59 18.06
C5' FAD F . 5.28 -3.39 19.32
O5' FAD F . 4.33 -2.47 19.89
P FAD F . 4.00 -2.31 21.45
O1P FAD F . 3.17 -1.05 21.52
O2P FAD F . 3.48 -3.55 22.02
O3P FAD F . 5.49 -2.01 22.00
H51A FAD F . 5.41 1.79 23.75
H52A FAD F . 4.24 0.88 23.26
H4B FAD F . 3.80 3.00 22.41
H3B FAD F . 4.61 1.16 20.40
HO3A FAD F . 2.55 1.17 21.22
H2B FAD F . 4.76 2.78 18.85
HO2A FAD F . 3.58 4.55 19.01
H1B FAD F . 5.94 4.56 20.23
H8A FAD F . 6.44 1.17 19.19
H61A FAD F . 11.99 2.29 18.34
H62A FAD F . 11.38 1.17 19.09
H2A FAD F . 10.27 5.67 20.70
HN3 FAD F . 5.49 -10.86 18.23
H6 FAD F . 5.00 -9.20 11.76
HM71 FAD F . 6.11 -7.28 9.16
HM72 FAD F . 4.61 -6.93 9.48
HM73 FAD F . 5.09 -8.42 9.48
HM81 FAD F . 7.02 -4.33 11.28
HM82 FAD F . 7.24 -5.30 10.08
HM83 FAD F . 5.82 -4.69 10.35
H9 FAD F . 6.92 -5.32 13.30
H1'1 FAD F . 7.82 -6.22 16.54
H1'2 FAD F . 7.59 -5.38 15.24
H2' FAD F . 5.79 -5.70 17.36
HO2' FAD F . 4.45 -5.46 15.79
H3' FAD F . 6.87 -3.27 16.37
HO3' FAD F . 8.33 -3.49 17.85
H4' FAD F . 4.81 -2.88 17.40
HO4' FAD F . 6.22 -1.29 18.86
H5'1 FAD F . 6.07 -3.45 19.88
H5'2 FAD F . 4.89 -4.29 19.27
PA FAD G . -9.71 -26.52 7.11
O1A FAD G . -9.70 -27.95 7.51
O2A FAD G . -10.98 -25.72 7.05
O5B FAD G . -8.69 -25.77 8.06
C5B FAD G . -8.57 -24.35 8.02
C4B FAD G . -7.40 -23.95 8.93
O4B FAD G . -7.73 -24.28 10.29
C3B FAD G . -6.08 -24.68 8.65
O3B FAD G . -5.44 -24.08 7.56
C2B FAD G . -5.43 -24.54 10.03
O2B FAD G . -4.82 -23.29 10.22
C1B FAD G . -6.61 -24.70 11.00
N9A FAD G . -6.81 -26.07 11.46
C8A FAD G . -7.48 -27.09 10.82
N7A FAD G . -7.45 -28.22 11.45
C5A FAD G . -6.71 -27.94 12.60
C6A FAD G . -6.35 -28.72 13.72
N6A FAD G . -6.71 -30.01 13.79
N1A FAD G . -5.65 -28.13 14.69
C2A FAD G . -5.33 -26.85 14.55
N3A FAD G . -5.60 -26.02 13.57
C4A FAD G . -6.31 -26.61 12.61
N1 FAD G . -5.18 -33.05 10.47
C2 FAD G . -5.57 -34.19 11.08
O2 FAD G . -6.05 -35.12 10.50
N3 FAD G . -5.38 -34.29 12.45
C4 FAD G . -4.83 -33.37 13.27
O4 FAD G . -4.72 -33.50 14.47
C4X FAD G . -4.39 -32.17 12.57
N5 FAD G . -3.84 -31.26 13.27
C5X FAD G . -3.48 -30.11 12.65
C6 FAD G . -2.91 -29.12 13.41
C7 FAD G . -2.51 -27.93 12.88
C7M FAD G . -1.89 -26.89 13.74
C8 FAD G . -2.74 -27.72 11.49
C8M FAD G . -2.28 -26.41 10.91
C9 FAD G . -3.35 -28.71 10.70
C9A FAD G . -3.71 -29.94 11.26
N10 FAD G . -4.28 -30.95 10.55
C10 FAD G . -4.66 -32.10 11.16
C1' FAD G . -4.58 -30.78 9.11
C2' FAD G . -5.91 -29.99 8.96
O2' FAD G . -7.00 -30.77 9.43
C3' FAD G . -6.23 -29.61 7.52
O3' FAD G . -6.29 -30.78 6.75
C4' FAD G . -5.15 -28.67 6.94
O4' FAD G . -4.87 -27.68 7.90
C5' FAD G . -5.61 -28.02 5.66
O5' FAD G . -6.88 -27.49 5.93
P FAD G . -7.69 -26.50 4.98
O1P FAD G . -6.91 -25.23 5.38
O2P FAD G . -7.64 -26.63 3.55
O3P FAD G . -9.13 -26.32 5.64
H51A FAD G . -9.39 -23.94 8.33
H52A FAD G . -8.41 -24.05 7.12
H4B FAD G . -7.27 -22.99 8.86
H3B FAD G . -6.18 -25.62 8.43
HO3A FAD G . -4.69 -24.47 7.44
H2B FAD G . -4.82 -25.30 10.08
HO2A FAD G . -5.20 -22.89 10.87
H1B FAD G . -6.48 -24.16 11.79
H8A FAD G . -7.91 -26.95 10.01
H61A FAD G . -6.26 -30.55 14.28
H62A FAD G . -7.39 -30.30 13.36
H2A FAD G . -4.85 -26.50 15.26
HN3 FAD G . -5.63 -35.03 12.81
H6 FAD G . -2.80 -29.28 14.32
HM71 FAD G . -2.47 -26.10 13.82
HM72 FAD G . -1.04 -26.59 13.39
HM73 FAD G . -1.74 -27.22 14.64
HM81 FAD G . -2.71 -25.65 11.34
HM82 FAD G . -2.49 -26.36 9.96
HM83 FAD G . -1.32 -26.29 11.00
H9 FAD G . -3.49 -28.53 9.81
H1'1 FAD G . -4.64 -31.65 8.71
H1'2 FAD G . -3.85 -30.31 8.69
H2' FAD G . -5.71 -29.19 9.48
HO2' FAD G . -7.08 -30.59 10.25
H3' FAD G . -7.09 -29.18 7.52
H4' FAD G . -4.38 -29.23 6.77
HO4' FAD G . -4.07 -27.39 7.86
H5'1 FAD G . -5.66 -28.66 4.94
H5'2 FAD G . -4.99 -27.32 5.39
PA FAD H . 0.38 -40.02 11.52
O1A FAD H . -1.00 -39.49 11.53
O2A FAD H . 0.99 -40.73 12.70
O5B FAD H . 0.57 -40.90 10.23
C5B FAD H . 1.47 -41.97 10.27
C4B FAD H . 1.63 -42.44 8.83
O4B FAD H . 0.41 -43.04 8.42
C3B FAD H . 1.88 -41.31 7.85
O3B FAD H . 3.24 -41.03 7.73
C2B FAD H . 1.39 -41.97 6.57
O2B FAD H . 2.37 -42.84 6.06
C1B FAD H . 0.16 -42.72 7.08
N9A FAD H . -1.07 -41.96 7.06
C8A FAD H . -1.27 -40.62 7.31
N7A FAD H . -2.51 -40.26 7.25
C5A FAD H . -3.17 -41.43 6.94
C6A FAD H . -4.53 -41.74 6.73
N6A FAD H . -5.51 -40.84 6.80
N1A FAD H . -4.83 -43.02 6.45
C2A FAD H . -3.86 -43.93 6.40
N3A FAD H . -2.57 -43.76 6.57
C4A FAD H . -2.29 -42.49 6.85
N1 FAD H . -0.55 -31.34 11.22
C2 FAD H . 0.02 -30.90 12.37
O2 FAD H . 0.05 -31.58 13.38
N3 FAD H . 0.57 -29.63 12.38
C4 FAD H . 0.55 -28.70 11.36
O4 FAD H . 1.04 -27.58 11.47
C4X FAD H . -0.09 -29.21 10.13
N5 FAD H . -0.12 -28.43 9.11
C5X FAD H . -0.67 -28.92 7.97
C6 FAD H . -0.77 -28.08 6.84
C7 FAD H . -1.32 -28.48 5.64
C7M FAD H . -1.37 -27.55 4.45
C8 FAD H . -1.79 -29.81 5.55
C8M FAD H . -2.42 -30.34 4.28
C9 FAD H . -1.68 -30.65 6.65
C9A FAD H . -1.16 -30.23 7.86
N10 FAD H . -1.09 -31.03 9.01
C10 FAD H . -0.56 -30.56 10.16
C1' FAD H . -1.57 -32.43 9.03
C2' FAD H . -0.36 -33.42 8.91
O2' FAD H . 0.42 -33.13 7.77
C3' FAD H . -0.92 -34.84 8.74
O3' FAD H . -1.81 -35.14 9.81
C4' FAD H . 0.15 -35.95 8.61
O4' FAD H . -0.50 -37.12 8.10
C5' FAD H . 0.88 -36.22 9.92
O5' FAD H . 1.86 -37.22 9.58
P FAD H . 2.58 -38.17 10.65
O1P FAD H . 3.27 -39.23 9.86
O2P FAD H . 3.32 -37.40 11.65
O3P FAD H . 1.31 -38.77 11.44
H51A FAD H . 1.12 -42.69 10.83
H52A FAD H . 2.31 -41.70 10.65
H4B FAD H . 2.35 -43.09 8.81
H3B FAD H . 1.39 -40.52 8.11
HO3A FAD H . 3.60 -41.66 7.28
H2B FAD H . 1.11 -41.28 5.96
HO2A FAD H . 2.50 -42.66 5.23
H1B FAD H . 0.02 -43.50 6.51
H8A FAD H . -0.56 -40.07 7.51
H61A FAD H . -6.29 -41.02 6.48
H62A FAD H . -5.38 -40.07 7.16
H2A FAD H . -4.14 -44.80 6.20
HN3 FAD H . 0.96 -29.39 13.12
H6 FAD H . -0.43 -27.21 6.94
HM71 FAD H . -2.29 -27.33 4.21
HM72 FAD H . -0.95 -27.95 3.68
HM73 FAD H . -0.92 -26.71 4.64
HM81 FAD H . -2.62 -31.29 4.35
HM82 FAD H . -3.24 -29.88 4.07
HM83 FAD H . -1.82 -30.22 3.53
H9 FAD H . -1.99 -31.52 6.54
H1'1 FAD H . -2.06 -32.57 9.84
H1'2 FAD H . -2.19 -32.55 8.28
H2' FAD H . 0.12 -33.31 9.74
HO2' FAD H . 0.89 -32.45 7.97
H3' FAD H . -1.39 -34.81 7.89
HO3' FAD H . -2.60 -35.18 9.51
H4' FAD H . 0.81 -35.60 7.98
HO4' FAD H . -0.56 -37.74 8.68
H5'1 FAD H . 0.28 -36.54 10.61
H5'2 FAD H . 1.31 -35.42 10.26
PA FAD I . 12.42 17.45 -9.27
O1A FAD I . 13.04 18.65 -8.62
O2A FAD I . 13.23 16.69 -10.30
O5B FAD I . 11.04 17.83 -9.99
C5B FAD I . 10.13 18.66 -9.32
C4B FAD I . 8.92 18.86 -10.21
O4B FAD I . 9.32 19.48 -11.43
C3B FAD I . 8.26 17.56 -10.69
O3B FAD I . 7.45 17.05 -9.63
C2B FAD I . 7.51 18.07 -11.92
O2B FAD I . 6.32 18.76 -11.62
C1B FAD I . 8.56 19.01 -12.51
N9A FAD I . 9.39 18.35 -13.46
C8A FAD I . 10.56 17.66 -13.22
N7A FAD I . 11.13 17.16 -14.27
C5A FAD I . 10.26 17.50 -15.28
C6A FAD I . 10.31 17.27 -16.67
N6A FAD I . 11.29 16.60 -17.25
N1A FAD I . 9.33 17.79 -17.41
C2A FAD I . 8.34 18.48 -16.82
N3A FAD I . 8.19 18.75 -15.53
C4A FAD I . 9.20 18.27 -14.81
N1 FAD I . 11.86 12.22 -16.02
C2 FAD I . 12.71 11.95 -17.03
O2 FAD I . 13.73 11.29 -16.88
N3 FAD I . 12.39 12.48 -18.27
C4 FAD I . 11.28 13.21 -18.60
O4 FAD I . 11.03 13.66 -19.71
C4X FAD I . 10.36 13.44 -17.49
N5 FAD I . 9.27 14.13 -17.70
C5X FAD I . 8.48 14.41 -16.66
C6 FAD I . 7.32 15.13 -16.89
C7 FAD I . 6.44 15.48 -15.90
C7M FAD I . 5.20 16.26 -16.28
C8 FAD I . 6.72 15.01 -14.60
C8M FAD I . 5.79 15.32 -13.45
C9 FAD I . 7.89 14.28 -14.37
C9A FAD I . 8.80 13.95 -15.38
N10 FAD I . 9.95 13.20 -15.19
C10 FAD I . 10.77 12.92 -16.21
C1' FAD I . 10.35 12.72 -13.85
C2' FAD I . 10.99 13.91 -13.12
O2' FAD I . 12.17 14.30 -13.79
C3' FAD I . 11.27 13.63 -11.65
O3' FAD I . 12.20 12.58 -11.55
C4' FAD I . 9.97 13.38 -10.85
O4' FAD I . 9.01 14.35 -11.23
C5' FAD I . 10.27 13.42 -9.37
O5' FAD I . 10.97 14.64 -9.19
P FAD I . 11.05 15.32 -7.77
O1P FAD I . 9.67 15.98 -7.70
O2P FAD I . 11.30 14.55 -6.58
O3P FAD I . 12.04 16.59 -8.00
H51A FAD I . 10.54 19.52 -9.12
H52A FAD I . 9.86 18.26 -8.47
H4B FAD I . 8.30 19.42 -9.73
H3B FAD I . 8.89 16.88 -10.95
HO3A FAD I . 6.82 17.60 -9.50
H2B FAD I . 7.36 17.29 -12.47
HO2A FAD I . 6.28 19.47 -12.08
H1B FAD I . 8.14 19.77 -12.97
H8A FAD I . 10.89 17.59 -12.34
H61A FAD I . 11.37 16.61 -18.10
H62A FAD I . 11.86 16.16 -16.78
H2A FAD I . 7.69 18.79 -17.39
HN3 FAD I . 12.96 12.33 -18.91
H6 FAD I . 7.15 15.38 -17.77
HM71 FAD I . 5.10 17.05 -15.71
HM72 FAD I . 4.41 15.73 -16.20
HM73 FAD I . 5.25 16.59 -17.20
HM81 FAD I . 5.61 16.28 -13.38
HM82 FAD I . 6.18 15.05 -12.60
HM83 FAD I . 4.94 14.87 -13.55
H9 FAD I . 8.05 14.01 -13.49
H1'1 FAD I . 10.98 11.99 -13.95
H1'2 FAD I . 9.57 12.38 -13.39
H2' FAD I . 10.30 14.59 -13.16
HO2' FAD I . 11.92 14.82 -14.41
H3' FAD I . 11.70 14.41 -11.26
H4' FAD I . 9.65 12.50 -11.10
HO4' FAD I . 8.23 14.04 -11.32
H5'1 FAD I . 10.81 12.66 -9.08
H5'2 FAD I . 9.46 13.41 -8.84
PA FAD J . 11.14 4.93 -20.94
O1A FAD J . 11.65 6.03 -20.04
O2A FAD J . 11.17 4.83 -22.42
O5B FAD J . 11.65 3.51 -20.37
C5B FAD J . 11.35 2.31 -21.02
C4B FAD J . 11.70 1.18 -20.06
O4B FAD J . 13.11 1.22 -19.82
C3B FAD J . 11.03 1.30 -18.69
O3B FAD J . 9.76 0.70 -18.74
C2B FAD J . 12.02 0.50 -17.83
O2B FAD J . 11.79 -0.88 -17.95
C1B FAD J . 13.35 0.92 -18.46
N9A FAD J . 13.96 2.09 -17.88
C8A FAD J . 13.37 3.27 -17.42
N7A FAD J . 14.25 4.13 -16.96
C5A FAD J . 15.46 3.51 -17.17
C6A FAD J . 16.79 3.88 -16.91
N6A FAD J . 17.11 5.06 -16.36
N1A FAD J . 17.76 3.02 -17.23
C2A FAD J . 17.45 1.84 -17.77
N3A FAD J . 16.25 1.38 -18.06
C4A FAD J . 15.30 2.25 -17.74
N1 FAD J . 7.14 11.16 -16.60
C2 FAD J . 6.30 11.71 -17.50
O2 FAD J . 6.53 11.73 -18.70
N3 FAD J . 5.15 12.32 -17.03
C4 FAD J . 4.76 12.43 -15.74
O4 FAD J . 3.73 12.98 -15.39
C4X FAD J . 5.70 11.84 -14.78
N5 FAD J . 5.43 11.88 -13.50
C5X FAD J . 6.30 11.30 -12.63
C6 FAD J . 6.03 11.35 -11.25
C7 FAD J . 6.87 10.80 -10.32
C7M FAD J . 6.53 10.91 -8.86
C8 FAD J . 8.04 10.12 -10.76
C8M FAD J . 8.98 9.50 -9.77
C9 FAD J . 8.30 10.05 -12.11
C9A FAD J . 7.46 10.61 -13.08
N10 FAD J . 7.71 10.58 -14.43
C10 FAD J . 6.87 11.19 -15.32
C1' FAD J . 8.87 9.89 -14.96
C2' FAD J . 8.47 8.54 -15.60
O2' FAD J . 7.80 7.71 -14.64
C3' FAD J . 9.73 7.78 -16.03
O3' FAD J . 10.44 8.57 -16.95
C4' FAD J . 9.47 6.36 -16.59
O4' FAD J . 10.69 5.64 -16.61
C5' FAD J . 8.81 6.38 -17.97
O5' FAD J . 8.63 4.99 -18.32
P FAD J . 8.38 4.46 -19.83
O1P FAD J . 8.52 2.98 -19.73
O2P FAD J . 7.22 5.11 -20.42
O3P FAD J . 9.58 5.05 -20.70
H51A FAD J . 11.85 2.23 -21.85
H52A FAD J . 10.40 2.28 -21.26
H4B FAD J . 11.48 0.34 -20.49
H3B FAD J . 10.97 2.22 -18.39
HO3A FAD J . 9.86 -0.13 -18.89
H2B FAD J . 11.95 0.83 -16.92
HO2A FAD J . 11.73 -1.22 -17.17
H1B FAD J . 13.96 0.19 -18.35
H8A FAD J . 12.46 3.40 -17.44
H61A FAD J . 17.32 5.11 -15.52
H62A FAD J . 17.10 5.78 -16.83
H2A FAD J . 18.17 1.29 -17.97
HN3 FAD J . 4.63 12.67 -17.63
H6 FAD J . 5.25 11.78 -10.98
HM71 FAD J . 7.24 11.34 -8.36
HM72 FAD J . 6.38 10.04 -8.47
HM73 FAD J . 5.72 11.43 -8.73
HM81 FAD J . 9.78 9.14 -10.20
HM82 FAD J . 9.29 10.15 -9.12
HM83 FAD J . 8.57 8.78 -9.28
H9 FAD J . 9.07 9.60 -12.37
H1'1 FAD J . 9.29 10.46 -15.62
H1'2 FAD J . 9.51 9.76 -14.24
H2' FAD J . 7.91 8.77 -16.35
HO2' FAD J . 7.01 8.03 -14.58
H3' FAD J . 10.26 7.66 -15.22
HO3' FAD J . 11.27 8.49 -16.80
H4' FAD J . 8.84 5.97 -15.97
HO4' FAD J . 10.95 5.44 -17.39
H5'1 FAD J . 9.38 6.83 -18.63
H5'2 FAD J . 7.96 6.84 -17.96
PA FAD K . -16.94 17.50 -7.13
PA FAD K . -16.91 17.77 -7.32
O1A FAD K . -17.40 16.13 -6.77
O1A FAD K . -17.55 16.44 -7.09
O2A FAD K . -17.89 18.55 -7.66
O2A FAD K . -17.69 18.91 -7.91
O5B FAD K . -15.77 17.49 -8.25
O5B FAD K . -15.60 17.67 -8.25
C5B FAD K . -14.69 16.58 -8.06
C5B FAD K . -14.75 16.55 -8.12
C4B FAD K . -13.64 16.79 -9.12
C4B FAD K . -13.55 16.81 -9.01
O4B FAD K . -14.28 16.68 -10.40
O4B FAD K . -13.97 16.65 -10.37
C3B FAD K . -12.95 18.15 -9.16
C3B FAD K . -13.01 18.23 -8.92
O3B FAD K . -11.89 18.21 -8.23
O3B FAD K . -12.12 18.38 -7.83
C2B FAD K . -12.44 18.13 -10.60
C2B FAD K . -12.33 18.31 -10.29
O2B FAD K . -11.22 17.44 -10.73
O2B FAD K . -11.03 17.78 -10.24
C1B FAD K . -13.60 17.47 -11.34
C1B FAD K . -13.34 17.58 -11.20
N9A FAD K . -14.50 18.44 -11.89
N9A FAD K . -14.32 18.49 -11.78
C8A FAD K . -15.61 18.98 -11.29
C8A FAD K . -15.44 18.95 -11.15
N7A FAD K . -16.21 19.86 -12.02
N7A FAD K . -16.13 19.78 -11.86
C5A FAD K . -15.45 19.92 -13.17
C5A FAD K . -15.44 19.89 -13.03
C6A FAD K . -15.57 20.65 -14.36
C6A FAD K . -15.67 20.61 -14.21
N6A FAD K . -16.55 21.52 -14.55
N6A FAD K . -16.75 21.38 -14.35
N1A FAD K . -14.63 20.46 -15.30
N1A FAD K . -14.79 20.49 -15.21
C2A FAD K . -13.66 19.58 -15.08
C2A FAD K . -13.74 19.69 -15.04
N3A FAD K . -13.44 18.84 -14.03
N3A FAD K . -13.40 18.98 -13.98
C4A FAD K . -14.38 19.05 -13.10
C4A FAD K . -14.30 19.09 -13.01
N1 FAD K . -17.03 25.26 -11.62
N1 FAD K . -17.18 24.90 -11.87
C2 FAD K . -17.91 25.99 -12.36
C2 FAD K . -18.11 25.47 -12.68
O2 FAD K . -18.89 26.52 -11.88
O2 FAD K . -19.13 25.97 -12.26
N3 FAD K . -17.70 26.14 -13.72
N3 FAD K . -17.90 25.47 -14.05
C4 FAD K . -16.64 25.62 -14.41
C4 FAD K . -16.84 24.95 -14.70
O4 FAD K . -16.42 25.75 -15.59
O4 FAD K . -16.77 24.98 -15.90
C4X FAD K . -15.72 24.86 -13.59
C4X FAD K . -15.83 24.34 -13.79
N5 FAD K . -14.73 24.37 -14.22
N5 FAD K . -14.75 23.82 -14.28
C5X FAD K . -13.84 23.66 -13.55
C5X FAD K . -13.83 23.26 -13.47
C6 FAD K . -12.77 23.15 -14.29
C6 FAD K . -12.66 22.70 -14.03
C7 FAD K . -11.81 22.40 -13.71
C7 FAD K . -11.70 22.12 -13.26
C7M FAD K . -10.67 21.86 -14.54
C7M FAD K . -10.45 21.51 -13.84
C8 FAD K . -11.92 22.14 -12.33
C8 FAD K . -11.90 22.09 -11.85
C8M FAD K . -10.86 21.33 -11.66
C8M FAD K . -10.85 21.47 -10.98
C9 FAD K . -12.98 22.65 -11.59
C9 FAD K . -13.04 22.64 -11.30
C9A FAD K . -13.98 23.42 -12.18
C9A FAD K . -14.03 23.24 -12.08
N10 FAD K . -15.06 23.99 -11.52
N10 FAD K . -15.17 23.83 -11.57
C10 FAD K . -15.99 24.72 -12.20
C10 FAD K . -16.11 24.37 -12.38
C1' FAD K . -15.29 23.78 -10.08
C1' FAD K . -15.45 23.78 -10.13
C2' FAD K . -16.02 22.46 -9.78
C2' FAD K . -15.96 22.35 -9.85
O2' FAD K . -17.33 22.54 -10.25
O2' FAD K . -17.19 22.10 -10.49
C3' FAD K . -15.95 22.19 -8.27
C3' FAD K . -16.09 22.03 -8.34
O3' FAD K . -16.62 23.25 -7.62
O3' FAD K . -17.04 22.91 -7.77
C4' FAD K . -14.52 22.12 -7.75
C4' FAD K . -14.75 22.14 -7.59
O4' FAD K . -13.75 21.51 -8.76
O4' FAD K . -13.86 21.30 -8.29
C5' FAD K . -14.43 21.37 -6.43
C5' FAD K . -14.92 21.70 -6.15
O5' FAD K . -15.04 20.10 -6.54
O5' FAD K . -15.45 20.40 -6.24
P FAD K . -15.75 19.44 -5.22
P FAD K . -15.10 19.11 -5.31
O1P FAD K . -16.90 20.31 -4.85
O1P FAD K . -15.44 19.54 -3.92
O2P FAD K . -14.72 19.18 -4.20
O2P FAD K . -13.79 18.45 -5.61
O3P FAD K . -16.20 17.97 -5.76
O3P FAD K . -16.31 18.14 -5.86
H51A FAD K . -15.03 15.67 -8.10
H51A FAD K . -15.21 15.74 -8.39
H52A FAD K . -14.31 16.70 -7.18
H52A FAD K . -14.47 16.44 -7.20
H4B FAD K . -12.97 16.10 -9.01
H4B FAD K . -12.85 16.16 -8.80
H3B FAD K . -13.57 18.88 -8.99
H3B FAD K . -13.71 18.89 -8.82
HO3A FAD K . -11.30 17.64 -8.47
HO3A FAD K . -11.42 17.92 -7.99
H2B FAD K . -12.36 19.05 -10.88
H2B FAD K . -12.32 19.24 -10.57
HO2A FAD K . -11.34 16.78 -11.26
HO2A FAD K . -11.08 16.94 -10.34
H1B FAD K . -13.28 16.91 -12.07
H1B FAD K . -12.89 17.14 -11.93
H8A FAD K . -15.89 18.71 -10.44
H8A FAD K . -15.66 18.68 -10.29
H61A FAD K . -16.42 22.21 -15.04
H61A FAD K . -16.77 21.98 -14.96
H62A FAD K . -17.33 21.40 -14.19
H62A FAD K . -17.44 21.29 -13.85
H2A FAD K . -13.06 19.48 -15.79
H2A FAD K . -13.16 19.65 -15.77
HN3 FAD K . -18.27 26.59 -14.16
HN3 FAD K . -18.50 25.84 -14.53
H6 FAD K . -12.74 23.35 -15.20
H6 FAD K . -12.57 22.74 -14.95
HM71 FAD K . -10.58 20.91 -14.44
HM71 FAD K . -10.43 20.55 -13.69
HM72 FAD K . -9.82 22.27 -14.29
HM72 FAD K . -9.65 21.89 -13.45
HM73 FAD K . -10.81 22.04 -15.49
HM73 FAD K . -10.40 21.65 -14.80
HM81 FAD K . -10.86 20.41 -11.98
HM81 FAD K . -10.65 20.56 -11.26
HM82 FAD K . -10.98 21.29 -10.70
HM82 FAD K . -11.15 21.42 -10.05
HM83 FAD K . -9.97 21.68 -11.82
HM83 FAD K . -10.03 21.97 -10.99
H9 FAD K . -13.00 22.45 -10.67
H9 FAD K . -13.13 22.59 -10.37
H1'1 FAD K . -15.81 24.53 -9.75
H1'1 FAD K . -16.12 24.45 -9.91
H1'2 FAD K . -14.43 23.82 -9.64
H1'2 FAD K . -14.65 23.98 -9.64
H2' FAD K . -15.52 21.76 -10.24
H2' FAD K . -15.24 21.80 -10.21
HO2' FAD K . -17.29 22.43 -11.10
HO2' FAD K . -17.01 21.96 -11.31
H3' FAD K . -16.40 21.34 -8.12
H3' FAD K . -16.41 21.13 -8.26
H4' FAD K . -14.22 23.02 -7.58
H4' FAD K . -14.44 23.05 -7.59
HO4' FAD K . -12.92 21.70 -8.72
HO4' FAD K . -13.11 21.66 -8.44
H5'1 FAD K . -14.88 21.88 -5.73
H5'1 FAD K . -15.52 22.28 -5.66
H5'2 FAD K . -13.50 21.26 -6.17
H5'2 FAD K . -14.08 21.69 -5.68
PA FAD L . -16.78 34.08 -13.96
O1A FAD L . -17.80 32.98 -13.95
O2A FAD L . -16.52 34.91 -15.18
O5B FAD L . -17.20 35.08 -12.74
C5B FAD L . -17.00 36.46 -12.86
C4B FAD L . -17.13 36.99 -11.44
O4B FAD L . -18.50 36.90 -11.08
C3B FAD L . -16.36 36.19 -10.40
O3B FAD L . -15.11 36.79 -10.22
C2B FAD L . -17.25 36.36 -9.17
O2B FAD L . -16.97 37.54 -8.47
C1B FAD L . -18.65 36.37 -9.79
N9A FAD L . -19.24 35.06 -9.84
C8A FAD L . -18.61 33.83 -9.82
N7A FAD L . -19.42 32.82 -9.87
C5A FAD L . -20.65 33.39 -9.92
C6A FAD L . -21.95 32.86 -9.99
N6A FAD L . -22.15 31.54 -10.02
N1A FAD L . -22.98 33.71 -10.03
C2A FAD L . -22.74 35.03 -9.99
N3A FAD L . -21.58 35.65 -9.93
C4A FAD L . -20.57 34.78 -9.90
N1 FAD L . -12.35 26.40 -12.64
C2 FAD L . -11.61 26.27 -13.78
O2 FAD L . -11.97 26.72 -14.86
N3 FAD L . -10.41 25.56 -13.68
C4 FAD L . -9.90 24.96 -12.58
O4 FAD L . -8.85 24.36 -12.58
C4X FAD L . -10.72 25.13 -11.38
N5 FAD L . -10.33 24.61 -10.24
C5X FAD L . -11.09 24.81 -9.13
C6 FAD L . -10.68 24.22 -7.91
C7 FAD L . -11.39 24.37 -6.75
C7M FAD L . -10.94 23.76 -5.47
C8 FAD L . -12.57 25.13 -6.78
C8M FAD L . -13.34 25.32 -5.52
C9 FAD L . -12.98 25.72 -7.98
C9A FAD L . -12.28 25.57 -9.18
N10 FAD L . -12.64 26.11 -10.38
C10 FAD L . -11.90 25.91 -11.51
C1' FAD L . -13.85 26.94 -10.49
C2' FAD L . -13.48 28.44 -10.52
O2' FAD L . -12.67 28.82 -9.45
C3' FAD L . -14.78 29.27 -10.44
O3' FAD L . -15.65 28.86 -11.49
C4' FAD L . -14.58 30.79 -10.50
O4' FAD L . -15.83 31.38 -10.10
C5' FAD L . -14.13 31.28 -11.88
O5' FAD L . -13.94 32.70 -11.74
P FAD L . -13.97 33.75 -12.98
O1P FAD L . -14.01 35.12 -12.37
O2P FAD L . -12.92 33.47 -13.98
O3P FAD L . -15.41 33.36 -13.59
H51A FAD L . -17.67 36.86 -13.45
H52A FAD L . -16.13 36.67 -13.24
H4B FAD L . -16.86 37.93 -11.43
H3B FAD L . -16.27 35.26 -10.66
HO3A FAD L . -15.24 37.61 -10.03
H2B FAD L . -17.12 35.56 -8.63
HO2A FAD L . -17.17 37.43 -7.65
H1B FAD L . -19.26 36.93 -9.28
H8A FAD L . -17.68 33.77 -9.78
H61A FAD L . -22.68 31.20 -10.61
H62A FAD L . -21.76 31.01 -9.46
H2A FAD L . -23.50 35.57 -10.03
HN3 FAD L . -9.95 25.49 -14.40
H6 FAD L . -9.90 23.72 -7.92
HM71 FAD L . -11.65 23.23 -5.07
HM72 FAD L . -10.68 24.42 -4.83
HM73 FAD L . -10.19 23.16 -5.62
HM81 FAD L . -14.11 25.89 -5.65
HM82 FAD L . -13.67 24.47 -5.18
HM83 FAD L . -12.80 25.71 -4.82
H9 FAD L . -13.76 26.24 -7.95
H1'1 FAD L . -14.31 26.68 -11.30
H1'2 FAD L . -14.43 26.74 -9.74
H2' FAD L . -13.03 28.54 -11.37
HO2' FAD L . -11.94 28.42 -9.56
H3' FAD L . -15.15 29.06 -9.56
HO3' FAD L . -16.16 28.24 -11.20
H4' FAD L . -13.85 31.02 -9.89
HO4' FAD L . -16.25 31.75 -10.74
H5'1 FAD L . -14.81 31.08 -12.55
H5'2 FAD L . -13.31 30.85 -12.15
#